data_3G1Z
#
_entry.id   3G1Z
#
_cell.length_a   69.901
_cell.length_b   68.905
_cell.length_c   73.270
_cell.angle_alpha   90.00
_cell.angle_beta   110.31
_cell.angle_gamma   90.00
#
_symmetry.space_group_name_H-M   'P 1 21 1'
#
loop_
_entity.id
_entity.type
_entity.pdbx_description
1 polymer 'Putative lysyl-tRNA synthetase'
2 non-polymer 'ADENOSINE MONOPHOSPHATE'
3 non-polymer 'PHOSPHATE ION'
4 non-polymer 'CHLORIDE ION'
5 water water
#
_entity_poly.entity_id   1
_entity_poly.type   'polypeptide(L)'
_entity_poly.pdbx_seq_one_letter_code
;GMSETATWQPSASIPNLLKRAAIMAEIRRFFADRGVLEVETPCMSQATVTDIHLFPFETRFVGPGHSQGINLYLMTSPEY
HMKRLLAAGCGPVFQLCRSFRNEEMGRHHNPEFTMLEWYRPHYDMYRLMNEVDDLLQQVLDCQPAESLSYQQAFQRHLEI
DPLSADKTQLREAAAKLDLSNIADTEEDRDTLLQLLFTMGVEPHIGKEKPTFIYHFPASQASLAQISTEDHRVAERFEVY
YKGIELANGFHELTDAREQQQRFEQDNRKRAARGLPQQPIDQNLLDALAAGLPDCSGVALGVDRLVMLALGAESLADVIA
FTVDRA
;
_entity_poly.pdbx_strand_id   A,B
#
# COMPACT_ATOMS: atom_id res chain seq x y z
N ALA A 6 -0.57 26.58 -1.79
CA ALA A 6 -0.88 26.02 -3.13
C ALA A 6 -1.19 24.55 -2.98
N THR A 7 -2.20 24.09 -3.71
N THR A 7 -2.19 24.09 -3.72
CA THR A 7 -2.64 22.70 -3.60
CA THR A 7 -2.65 22.69 -3.68
C THR A 7 -1.59 21.65 -4.05
C THR A 7 -1.55 21.67 -4.02
N TRP A 8 -0.58 22.08 -4.85
CA TRP A 8 0.55 21.18 -5.21
C TRP A 8 1.42 20.73 -4.01
N GLN A 9 1.48 21.55 -2.95
CA GLN A 9 2.36 21.26 -1.83
C GLN A 9 1.86 20.10 -1.01
N PRO A 10 2.77 19.42 -0.29
CA PRO A 10 2.33 18.36 0.61
C PRO A 10 1.43 18.90 1.70
N SER A 11 0.58 18.00 2.18
CA SER A 11 -0.27 18.22 3.33
CA SER A 11 -0.28 18.20 3.35
C SER A 11 0.59 18.34 4.60
N ALA A 12 1.49 17.37 4.79
CA ALA A 12 2.35 17.35 5.95
C ALA A 12 3.66 18.11 5.71
N SER A 13 4.14 18.78 6.76
CA SER A 13 5.48 19.40 6.74
C SER A 13 6.61 18.40 6.54
N ILE A 14 7.74 18.91 6.06
CA ILE A 14 8.93 18.08 5.94
C ILE A 14 9.38 17.51 7.31
N PRO A 15 9.52 18.37 8.36
CA PRO A 15 9.89 17.81 9.68
C PRO A 15 8.95 16.68 10.17
N ASN A 16 7.64 16.83 9.97
CA ASN A 16 6.70 15.78 10.36
C ASN A 16 6.90 14.48 9.56
N LEU A 17 7.23 14.59 8.29
CA LEU A 17 7.48 13.39 7.50
C LEU A 17 8.78 12.66 7.83
N LEU A 18 9.74 13.36 8.44
CA LEU A 18 11.01 12.74 8.85
C LEU A 18 10.74 11.96 10.12
N LYS A 19 10.05 12.58 11.05
CA LYS A 19 9.62 11.91 12.24
C LYS A 19 8.72 10.72 11.88
N ARG A 20 7.86 10.88 10.89
CA ARG A 20 7.04 9.74 10.42
C ARG A 20 7.89 8.52 10.03
N ALA A 21 8.90 8.72 9.18
CA ALA A 21 9.81 7.65 8.78
C ALA A 21 10.52 7.05 9.99
N ALA A 22 10.93 7.87 10.97
CA ALA A 22 11.60 7.35 12.16
C ALA A 22 10.69 6.43 12.98
N ILE A 23 9.42 6.81 13.09
CA ILE A 23 8.45 5.98 13.78
C ILE A 23 8.24 4.64 13.02
N MET A 24 8.02 4.69 11.73
CA MET A 24 7.93 3.46 10.92
C MET A 24 9.13 2.55 11.18
N ALA A 25 10.34 3.15 11.26
CA ALA A 25 11.55 2.36 11.51
C ALA A 25 11.57 1.72 12.90
N GLU A 26 11.16 2.50 13.91
N GLU A 26 11.14 2.52 13.88
CA GLU A 26 11.02 1.99 15.29
CA GLU A 26 11.00 2.11 15.27
C GLU A 26 10.04 0.85 15.36
C GLU A 26 9.98 0.98 15.45
N ILE A 27 8.92 1.00 14.66
CA ILE A 27 7.89 -0.07 14.65
C ILE A 27 8.51 -1.35 14.10
N ARG A 28 9.25 -1.20 13.00
CA ARG A 28 9.93 -2.32 12.43
C ARG A 28 10.99 -2.92 13.36
N ARG A 29 11.70 -2.09 14.12
CA ARG A 29 12.70 -2.58 15.08
C ARG A 29 12.01 -3.30 16.26
N PHE A 30 10.85 -2.78 16.66
CA PHE A 30 10.04 -3.41 17.71
C PHE A 30 9.77 -4.87 17.37
N PHE A 31 9.23 -5.10 16.18
CA PHE A 31 8.90 -6.46 15.77
C PHE A 31 10.12 -7.30 15.43
N ALA A 32 11.13 -6.69 14.82
CA ALA A 32 12.41 -7.38 14.57
C ALA A 32 12.97 -7.93 15.86
N ASP A 33 12.95 -7.11 16.92
CA ASP A 33 13.51 -7.50 18.21
C ASP A 33 12.75 -8.68 18.84
N ARG A 34 11.51 -8.87 18.43
CA ARG A 34 10.66 -9.95 18.97
C ARG A 34 10.54 -11.12 18.00
N GLY A 35 11.30 -11.06 16.90
CA GLY A 35 11.33 -12.17 15.92
C GLY A 35 10.04 -12.34 15.14
N VAL A 36 9.32 -11.24 14.98
CA VAL A 36 8.05 -11.28 14.29
C VAL A 36 8.30 -10.94 12.81
N LEU A 37 7.84 -11.80 11.92
CA LEU A 37 8.14 -11.64 10.48
C LEU A 37 7.25 -10.57 9.81
N GLU A 38 7.78 -9.70 8.93
CA GLU A 38 6.92 -8.76 8.16
C GLU A 38 6.45 -9.39 6.84
N VAL A 39 5.18 -9.21 6.50
CA VAL A 39 4.63 -9.76 5.28
C VAL A 39 3.94 -8.62 4.54
N GLU A 40 3.74 -8.83 3.25
CA GLU A 40 2.97 -7.93 2.39
C GLU A 40 1.89 -8.72 1.71
N THR A 41 0.65 -8.26 1.83
CA THR A 41 -0.49 -8.95 1.22
C THR A 41 -1.21 -7.98 0.28
N PRO A 42 -2.13 -8.48 -0.54
CA PRO A 42 -2.72 -7.64 -1.56
C PRO A 42 -3.46 -6.41 -1.02
N CYS A 43 -3.50 -5.35 -1.82
CA CYS A 43 -4.45 -4.26 -1.61
C CYS A 43 -5.76 -4.48 -2.36
N MET A 44 -5.79 -5.47 -3.24
N MET A 44 -5.79 -5.48 -3.24
CA MET A 44 -6.99 -5.76 -4.03
CA MET A 44 -6.97 -5.76 -4.06
C MET A 44 -7.39 -7.24 -3.93
C MET A 44 -7.38 -7.23 -3.92
N SER A 45 -8.69 -7.49 -3.85
CA SER A 45 -9.20 -8.85 -3.79
C SER A 45 -10.39 -9.08 -4.71
N GLN A 46 -10.55 -10.32 -5.16
CA GLN A 46 -11.77 -10.71 -5.86
C GLN A 46 -12.93 -10.92 -4.89
N ALA A 47 -12.65 -10.82 -3.60
CA ALA A 47 -13.67 -10.87 -2.56
C ALA A 47 -13.60 -9.61 -1.70
N THR A 48 -14.64 -9.37 -0.90
CA THR A 48 -14.67 -8.19 -0.07
C THR A 48 -15.17 -8.51 1.34
N VAL A 49 -15.48 -7.50 2.15
CA VAL A 49 -16.03 -7.73 3.49
C VAL A 49 -17.57 -7.60 3.50
N THR A 50 -18.20 -8.30 4.44
CA THR A 50 -19.65 -8.33 4.58
C THR A 50 -20.18 -7.35 5.64
N ASP A 51 -19.32 -6.93 6.57
CA ASP A 51 -19.67 -5.96 7.62
C ASP A 51 -20.48 -4.82 7.06
N ILE A 52 -21.65 -4.59 7.67
CA ILE A 52 -22.57 -3.56 7.19
C ILE A 52 -21.99 -2.15 7.38
N HIS A 53 -21.07 -2.00 8.35
CA HIS A 53 -20.46 -0.71 8.65
C HIS A 53 -19.26 -0.39 7.77
N LEU A 54 -18.87 -1.29 6.87
CA LEU A 54 -17.69 -1.04 6.04
C LEU A 54 -18.08 -0.76 4.60
N PHE A 55 -17.49 0.25 4.00
N PHE A 55 -17.48 0.28 4.02
CA PHE A 55 -17.78 0.52 2.60
CA PHE A 55 -17.69 0.64 2.63
C PHE A 55 -16.51 0.42 1.79
C PHE A 55 -16.39 0.39 1.85
N PRO A 56 -16.33 -0.72 1.12
CA PRO A 56 -15.20 -1.04 0.22
C PRO A 56 -15.20 -0.23 -1.09
N PHE A 57 -14.01 0.22 -1.50
CA PHE A 57 -13.80 0.68 -2.86
C PHE A 57 -13.85 -0.54 -3.81
N GLU A 58 -14.51 -0.36 -4.94
CA GLU A 58 -14.54 -1.36 -6.03
C GLU A 58 -13.89 -0.79 -7.29
N THR A 59 -13.16 -1.64 -8.01
CA THR A 59 -12.56 -1.24 -9.27
C THR A 59 -12.64 -2.41 -10.25
N ARG A 60 -12.66 -2.07 -11.53
CA ARG A 60 -12.73 -3.08 -12.59
C ARG A 60 -11.34 -3.43 -13.14
N PHE A 61 -11.07 -4.73 -13.25
CA PHE A 61 -9.83 -5.25 -13.76
C PHE A 61 -10.14 -5.87 -15.11
N VAL A 62 -9.38 -5.49 -16.14
CA VAL A 62 -9.44 -6.15 -17.45
C VAL A 62 -9.35 -7.69 -17.40
N GLY A 63 -8.74 -8.22 -16.34
CA GLY A 63 -8.65 -9.67 -16.12
C GLY A 63 -8.01 -10.47 -17.24
N SER A 67 -12.59 -12.19 -22.95
CA SER A 67 -12.82 -10.76 -22.82
C SER A 67 -13.92 -10.46 -21.79
N GLN A 68 -13.54 -10.51 -20.51
CA GLN A 68 -14.42 -10.19 -19.40
C GLN A 68 -13.54 -9.87 -18.21
N GLY A 69 -13.68 -8.66 -17.72
CA GLY A 69 -12.91 -8.24 -16.56
C GLY A 69 -13.33 -8.98 -15.30
N ILE A 70 -12.74 -8.57 -14.20
CA ILE A 70 -13.02 -9.13 -12.92
C ILE A 70 -13.29 -7.92 -12.04
N ASN A 71 -14.30 -7.98 -11.19
CA ASN A 71 -14.45 -6.93 -10.18
C ASN A 71 -13.46 -7.14 -9.05
N LEU A 72 -12.78 -6.07 -8.65
CA LEU A 72 -11.86 -6.17 -7.53
C LEU A 72 -12.25 -5.13 -6.51
N TYR A 73 -11.92 -5.45 -5.26
CA TYR A 73 -12.28 -4.63 -4.12
C TYR A 73 -10.99 -4.29 -3.41
N LEU A 74 -10.83 -3.03 -3.03
CA LEU A 74 -9.65 -2.60 -2.23
C LEU A 74 -9.82 -3.11 -0.81
N MET A 75 -8.72 -3.40 -0.14
N MET A 75 -8.71 -3.44 -0.16
CA MET A 75 -8.77 -4.09 1.15
CA MET A 75 -8.73 -4.05 1.17
C MET A 75 -8.88 -3.14 2.36
C MET A 75 -8.96 -3.04 2.28
N THR A 76 -10.01 -3.27 3.05
CA THR A 76 -10.33 -2.44 4.20
C THR A 76 -9.43 -2.79 5.35
N SER A 77 -8.92 -4.02 5.32
CA SER A 77 -7.98 -4.55 6.29
C SER A 77 -7.32 -5.78 5.64
N PRO A 78 -6.03 -6.03 5.96
CA PRO A 78 -5.35 -7.24 5.44
C PRO A 78 -5.66 -8.58 6.17
N GLU A 79 -6.59 -8.53 7.14
CA GLU A 79 -7.03 -9.68 7.94
C GLU A 79 -7.16 -11.03 7.20
N TYR A 80 -7.93 -11.06 6.13
CA TYR A 80 -8.22 -12.32 5.47
C TYR A 80 -6.98 -12.93 4.85
N HIS A 81 -6.13 -12.13 4.20
CA HIS A 81 -4.88 -12.70 3.61
C HIS A 81 -3.88 -13.10 4.68
N MET A 82 -3.78 -12.29 5.73
CA MET A 82 -2.89 -12.67 6.84
C MET A 82 -3.35 -13.97 7.53
N LYS A 83 -4.66 -14.18 7.66
CA LYS A 83 -5.20 -15.45 8.20
C LYS A 83 -4.94 -16.62 7.25
N ARG A 84 -5.04 -16.37 5.96
CA ARG A 84 -4.59 -17.38 4.97
C ARG A 84 -3.11 -17.80 5.11
N LEU A 85 -2.23 -16.82 5.32
CA LEU A 85 -0.81 -17.07 5.61
C LEU A 85 -0.66 -17.86 6.92
N LEU A 86 -1.41 -17.48 7.94
N LEU A 86 -1.41 -17.45 7.93
CA LEU A 86 -1.31 -18.19 9.22
CA LEU A 86 -1.40 -18.12 9.24
C LEU A 86 -1.77 -19.63 9.09
C LEU A 86 -1.77 -19.59 9.08
N ALA A 87 -2.86 -19.84 8.36
CA ALA A 87 -3.35 -21.20 8.12
C ALA A 87 -2.30 -22.06 7.38
N ALA A 88 -1.50 -21.40 6.54
CA ALA A 88 -0.43 -22.07 5.76
C ALA A 88 0.86 -22.25 6.57
N GLY A 89 0.93 -21.58 7.72
CA GLY A 89 1.94 -21.79 8.74
C GLY A 89 3.00 -20.70 8.95
N CYS A 90 2.68 -19.47 8.54
N CYS A 90 2.71 -19.47 8.54
CA CYS A 90 3.67 -18.37 8.58
CA CYS A 90 3.74 -18.43 8.58
C CYS A 90 4.23 -18.04 9.97
C CYS A 90 4.16 -17.90 9.97
N GLY A 91 3.48 -18.35 11.02
CA GLY A 91 3.80 -17.91 12.39
C GLY A 91 3.49 -16.43 12.68
N PRO A 92 4.05 -15.87 13.79
CA PRO A 92 3.75 -14.47 14.18
C PRO A 92 4.22 -13.54 13.10
N VAL A 93 3.30 -12.72 12.62
CA VAL A 93 3.55 -11.86 11.48
C VAL A 93 2.95 -10.49 11.71
N PHE A 94 3.60 -9.46 11.16
CA PHE A 94 3.02 -8.12 11.15
C PHE A 94 3.08 -7.54 9.76
N GLN A 95 2.31 -6.51 9.51
CA GLN A 95 2.31 -5.85 8.23
C GLN A 95 2.03 -4.36 8.43
N LEU A 96 2.66 -3.53 7.62
CA LEU A 96 2.42 -2.11 7.61
C LEU A 96 1.91 -1.78 6.23
N CYS A 97 0.60 -1.72 6.07
CA CYS A 97 0.04 -1.64 4.72
C CYS A 97 -0.77 -0.38 4.51
N ARG A 98 -1.04 -0.09 3.26
CA ARG A 98 -2.07 0.88 2.93
C ARG A 98 -3.45 0.20 2.92
N SER A 99 -4.39 0.73 3.72
CA SER A 99 -5.74 0.18 3.79
C SER A 99 -6.71 1.20 3.22
N PHE A 100 -7.88 0.75 2.78
CA PHE A 100 -8.75 1.57 1.94
C PHE A 100 -10.16 1.39 2.45
N ARG A 101 -10.79 2.50 2.80
CA ARG A 101 -12.19 2.48 3.24
C ARG A 101 -12.86 3.70 2.64
N ASN A 102 -13.96 3.47 1.94
CA ASN A 102 -14.61 4.51 1.17
C ASN A 102 -15.40 5.40 2.11
N GLU A 103 -14.67 6.23 2.84
CA GLU A 103 -15.18 7.08 3.91
C GLU A 103 -14.70 8.49 3.62
N GLU A 104 -15.55 9.49 3.86
CA GLU A 104 -15.14 10.89 3.64
C GLU A 104 -13.93 11.27 4.50
N MET A 105 -13.16 12.25 4.01
CA MET A 105 -11.99 12.74 4.75
C MET A 105 -12.47 13.46 6.02
N GLY A 106 -11.79 13.21 7.14
CA GLY A 106 -12.05 13.91 8.42
C GLY A 106 -10.74 14.23 9.10
N ARG A 107 -10.78 14.93 10.23
CA ARG A 107 -9.54 15.21 10.97
C ARG A 107 -8.80 13.92 11.32
N HIS A 108 -9.54 12.83 11.53
CA HIS A 108 -8.91 11.55 11.91
C HIS A 108 -9.17 10.39 10.92
N HIS A 109 -9.70 10.69 9.74
CA HIS A 109 -9.87 9.65 8.73
C HIS A 109 -9.39 10.13 7.37
N ASN A 110 -8.75 9.24 6.61
CA ASN A 110 -8.42 9.46 5.22
C ASN A 110 -8.87 8.17 4.55
N PRO A 111 -9.35 8.24 3.30
CA PRO A 111 -9.89 6.98 2.69
C PRO A 111 -8.82 5.93 2.42
N GLU A 112 -7.58 6.39 2.30
CA GLU A 112 -6.47 5.46 2.34
C GLU A 112 -5.60 5.83 3.55
N PHE A 113 -5.25 4.81 4.32
CA PHE A 113 -4.47 5.05 5.54
C PHE A 113 -3.51 3.93 5.83
N THR A 114 -2.52 4.18 6.67
CA THR A 114 -1.57 3.15 7.01
C THR A 114 -2.04 2.34 8.19
N MET A 115 -2.14 1.03 7.97
CA MET A 115 -2.52 0.10 9.03
C MET A 115 -1.31 -0.71 9.48
N LEU A 116 -1.17 -0.82 10.80
CA LEU A 116 -0.28 -1.82 11.42
C LEU A 116 -1.15 -2.96 11.95
N GLU A 117 -1.03 -4.13 11.34
CA GLU A 117 -1.81 -5.24 11.77
C GLU A 117 -0.90 -6.41 12.04
N TRP A 118 -1.08 -7.05 13.19
CA TRP A 118 -0.31 -8.22 13.48
C TRP A 118 -1.03 -9.30 14.22
N TYR A 119 -0.48 -10.50 14.12
CA TYR A 119 -1.07 -11.72 14.68
C TYR A 119 -0.08 -12.50 15.49
N ARG A 120 -0.57 -13.04 16.58
N ARG A 120 -0.60 -13.05 16.56
CA ARG A 120 0.28 -13.80 17.47
CA ARG A 120 0.19 -13.77 17.54
C ARG A 120 -0.38 -15.12 17.81
C ARG A 120 -0.44 -15.13 17.81
N PRO A 121 -0.01 -16.19 17.09
CA PRO A 121 -0.38 -17.55 17.48
C PRO A 121 -0.11 -17.82 18.97
N HIS A 122 -1.03 -18.56 19.60
CA HIS A 122 -0.92 -18.95 21.02
CA HIS A 122 -0.97 -18.95 21.03
C HIS A 122 -0.93 -17.80 22.05
N TYR A 123 -1.27 -16.58 21.61
CA TYR A 123 -1.44 -15.46 22.53
C TYR A 123 -2.92 -15.24 22.78
N ASP A 124 -3.31 -15.14 24.05
CA ASP A 124 -4.66 -14.70 24.36
C ASP A 124 -4.73 -13.16 24.31
N MET A 125 -5.93 -12.63 24.47
CA MET A 125 -6.17 -11.20 24.40
C MET A 125 -5.28 -10.39 25.40
N TYR A 126 -5.07 -10.93 26.58
CA TYR A 126 -4.34 -10.23 27.62
C TYR A 126 -2.85 -10.13 27.30
N ARG A 127 -2.27 -11.21 26.82
CA ARG A 127 -0.85 -11.19 26.43
C ARG A 127 -0.64 -10.23 25.24
N LEU A 128 -1.58 -10.21 24.31
CA LEU A 128 -1.51 -9.27 23.20
C LEU A 128 -1.68 -7.81 23.64
N MET A 129 -2.58 -7.55 24.58
CA MET A 129 -2.76 -6.17 25.08
C MET A 129 -1.44 -5.70 25.67
N ASN A 130 -0.76 -6.58 26.37
CA ASN A 130 0.49 -6.19 26.99
C ASN A 130 1.58 -5.79 25.97
N GLU A 131 1.61 -6.50 24.84
CA GLU A 131 2.50 -6.24 23.71
C GLU A 131 2.19 -4.91 23.01
N VAL A 132 0.91 -4.63 22.84
CA VAL A 132 0.46 -3.36 22.28
C VAL A 132 0.92 -2.20 23.18
N ASP A 133 0.77 -2.39 24.50
CA ASP A 133 1.18 -1.40 25.52
C ASP A 133 2.69 -1.10 25.45
N ASP A 134 3.51 -2.14 25.29
CA ASP A 134 4.95 -2.00 25.12
C ASP A 134 5.31 -1.21 23.88
N LEU A 135 4.62 -1.47 22.76
CA LEU A 135 4.78 -0.68 21.55
C LEU A 135 4.42 0.81 21.74
N LEU A 136 3.23 1.10 22.29
CA LEU A 136 2.88 2.46 22.69
C LEU A 136 3.95 3.14 23.53
N GLN A 137 4.37 2.51 24.62
CA GLN A 137 5.45 3.07 25.42
C GLN A 137 6.69 3.44 24.61
N GLN A 138 7.06 2.59 23.66
CA GLN A 138 8.25 2.76 22.83
C GLN A 138 8.14 3.97 21.88
N VAL A 139 7.07 3.97 21.10
CA VAL A 139 6.79 5.02 20.12
C VAL A 139 6.39 6.36 20.77
N LEU A 140 5.47 6.33 21.73
CA LEU A 140 4.97 7.55 22.32
C LEU A 140 5.78 8.05 23.51
N ASP A 141 6.68 7.21 24.02
CA ASP A 141 7.38 7.49 25.26
C ASP A 141 6.38 7.86 26.34
N CYS A 142 5.24 7.16 26.34
CA CYS A 142 4.15 7.49 27.26
C CYS A 142 4.22 6.49 28.39
N GLN A 143 3.45 6.74 29.44
CA GLN A 143 3.37 5.82 30.58
C GLN A 143 2.76 4.46 30.18
N PRO A 144 3.02 3.41 30.99
CA PRO A 144 2.31 2.15 30.81
C PRO A 144 0.79 2.34 30.87
N ALA A 145 0.10 1.68 29.95
CA ALA A 145 -1.33 1.84 29.75
C ALA A 145 -2.11 1.38 30.98
N GLU A 146 -3.31 1.91 31.16
CA GLU A 146 -4.24 1.32 32.10
C GLU A 146 -5.21 0.45 31.30
N SER A 147 -5.78 -0.56 31.95
CA SER A 147 -6.79 -1.40 31.32
C SER A 147 -8.03 -1.52 32.18
N LEU A 148 -9.20 -1.53 31.55
CA LEU A 148 -10.45 -1.72 32.28
C LEU A 148 -11.50 -2.36 31.36
N SER A 149 -12.50 -3.02 31.92
CA SER A 149 -13.50 -3.65 31.06
C SER A 149 -14.50 -2.57 30.67
N TYR A 150 -15.28 -2.86 29.63
CA TYR A 150 -16.31 -1.96 29.13
C TYR A 150 -17.25 -1.70 30.30
N GLN A 151 -17.54 -2.77 31.04
CA GLN A 151 -18.39 -2.71 32.21
C GLN A 151 -17.81 -1.75 33.25
N GLN A 152 -16.55 -1.96 33.63
CA GLN A 152 -15.90 -1.11 34.64
C GLN A 152 -15.92 0.36 34.25
N ALA A 153 -15.64 0.62 32.96
CA ALA A 153 -15.64 1.98 32.38
C ALA A 153 -16.96 2.70 32.62
N PHE A 154 -18.08 2.05 32.29
CA PHE A 154 -19.41 2.60 32.54
C PHE A 154 -19.67 2.84 34.02
N GLN A 155 -19.30 1.86 34.84
CA GLN A 155 -19.56 1.94 36.28
C GLN A 155 -18.80 3.10 36.94
N ARG A 156 -17.55 3.29 36.52
CA ARG A 156 -16.66 4.32 37.10
C ARG A 156 -17.08 5.69 36.60
N HIS A 157 -17.39 5.79 35.30
CA HIS A 157 -17.73 7.06 34.69
C HIS A 157 -19.21 7.45 34.73
N LEU A 158 -20.11 6.47 34.62
CA LEU A 158 -21.55 6.76 34.55
C LEU A 158 -22.40 6.13 35.64
N GLU A 159 -21.77 5.31 36.50
N GLU A 159 -21.79 5.32 36.50
CA GLU A 159 -22.47 4.61 37.59
CA GLU A 159 -22.49 4.62 37.59
C GLU A 159 -23.64 3.78 37.07
C GLU A 159 -23.65 3.77 37.07
N ILE A 160 -23.42 3.11 35.94
CA ILE A 160 -24.37 2.13 35.42
C ILE A 160 -23.63 0.87 34.99
N ASP A 161 -24.37 -0.23 34.99
CA ASP A 161 -23.87 -1.51 34.51
C ASP A 161 -24.38 -1.76 33.08
N PRO A 162 -23.48 -1.71 32.08
CA PRO A 162 -23.92 -1.74 30.70
C PRO A 162 -24.32 -3.15 30.29
N LEU A 163 -24.02 -4.12 31.13
CA LEU A 163 -24.32 -5.52 30.81
C LEU A 163 -25.68 -5.92 31.35
N SER A 164 -26.28 -5.05 32.17
CA SER A 164 -27.54 -5.40 32.85
C SER A 164 -28.58 -4.29 32.86
N ALA A 165 -28.16 -3.04 32.66
CA ALA A 165 -29.11 -1.92 32.76
C ALA A 165 -30.17 -1.94 31.64
N ASP A 166 -31.43 -1.67 32.00
CA ASP A 166 -32.46 -1.59 30.97
C ASP A 166 -32.38 -0.26 30.25
N LYS A 167 -33.15 -0.12 29.17
CA LYS A 167 -33.17 1.10 28.34
C LYS A 167 -33.64 2.35 29.06
N THR A 168 -34.56 2.19 30.01
CA THR A 168 -34.99 3.29 30.87
C THR A 168 -33.80 3.82 31.70
N GLN A 169 -33.06 2.91 32.31
CA GLN A 169 -31.87 3.25 33.09
C GLN A 169 -30.82 3.93 32.21
N LEU A 170 -30.67 3.39 30.99
CA LEU A 170 -29.82 3.92 29.92
C LEU A 170 -30.18 5.35 29.48
N ARG A 171 -31.46 5.63 29.33
CA ARG A 171 -31.93 6.98 28.97
C ARG A 171 -31.82 7.96 30.13
N GLU A 172 -31.91 7.44 31.34
CA GLU A 172 -31.68 8.21 32.56
C GLU A 172 -30.25 8.78 32.56
N ALA A 173 -29.28 7.89 32.29
CA ALA A 173 -27.87 8.27 32.06
C ALA A 173 -27.71 9.27 30.91
N ALA A 174 -28.37 9.01 29.78
CA ALA A 174 -28.27 9.92 28.64
C ALA A 174 -28.82 11.30 28.97
N ALA A 175 -29.90 11.35 29.75
CA ALA A 175 -30.50 12.60 30.18
C ALA A 175 -29.49 13.45 30.96
N LYS A 176 -28.81 12.81 31.91
CA LYS A 176 -27.80 13.48 32.73
C LYS A 176 -26.70 14.11 31.88
N LEU A 177 -26.43 13.49 30.73
CA LEU A 177 -25.40 13.97 29.79
C LEU A 177 -25.92 14.98 28.76
N ASP A 178 -27.19 15.39 28.91
CA ASP A 178 -27.86 16.33 27.99
C ASP A 178 -28.13 15.72 26.61
N LEU A 179 -28.42 14.42 26.60
CA LEU A 179 -28.52 13.67 25.35
C LEU A 179 -29.94 13.13 25.05
N SER A 180 -30.92 13.51 25.88
N SER A 180 -30.92 13.53 25.86
CA SER A 180 -32.30 13.02 25.75
CA SER A 180 -32.30 13.02 25.75
C SER A 180 -32.89 13.07 24.33
C SER A 180 -32.95 13.11 24.37
N ASN A 181 -32.55 14.08 23.55
CA ASN A 181 -33.06 14.19 22.17
C ASN A 181 -32.81 12.91 21.36
N ILE A 182 -31.56 12.46 21.35
CA ILE A 182 -31.18 11.26 20.62
C ILE A 182 -31.65 10.01 21.37
N ALA A 183 -31.50 10.01 22.69
CA ALA A 183 -31.70 8.80 23.48
C ALA A 183 -33.16 8.35 23.65
N ASP A 184 -34.09 9.30 23.76
CA ASP A 184 -35.48 9.00 24.12
C ASP A 184 -36.18 8.13 23.08
N THR A 185 -35.90 8.40 21.81
CA THR A 185 -36.51 7.70 20.67
C THR A 185 -35.72 6.46 20.25
N GLU A 186 -34.44 6.41 20.61
CA GLU A 186 -33.60 5.26 20.26
C GLU A 186 -34.09 4.05 21.01
N GLU A 187 -34.49 3.00 20.30
CA GLU A 187 -35.04 1.82 20.97
C GLU A 187 -34.10 0.59 20.94
N ASP A 188 -32.97 0.72 20.25
CA ASP A 188 -31.96 -0.34 20.21
C ASP A 188 -31.01 -0.20 21.41
N ARG A 189 -31.06 -1.18 22.30
CA ARG A 189 -30.30 -1.11 23.56
C ARG A 189 -28.79 -0.91 23.32
N ASP A 190 -28.23 -1.67 22.39
CA ASP A 190 -26.80 -1.56 22.11
C ASP A 190 -26.42 -0.22 21.52
N THR A 191 -27.33 0.37 20.75
CA THR A 191 -27.10 1.69 20.14
C THR A 191 -27.03 2.74 21.23
N LEU A 192 -27.86 2.57 22.26
CA LEU A 192 -27.86 3.47 23.42
C LEU A 192 -26.54 3.32 24.19
N LEU A 193 -26.06 2.08 24.31
CA LEU A 193 -24.73 1.84 24.90
C LEU A 193 -23.58 2.53 24.16
N GLN A 194 -23.64 2.56 22.83
CA GLN A 194 -22.60 3.21 22.04
C GLN A 194 -22.65 4.74 22.18
N LEU A 195 -23.86 5.31 22.18
CA LEU A 195 -24.08 6.73 22.46
C LEU A 195 -23.41 7.10 23.80
N LEU A 196 -23.72 6.33 24.85
CA LEU A 196 -23.18 6.56 26.20
C LEU A 196 -21.68 6.41 26.31
N PHE A 197 -21.11 5.39 25.66
CA PHE A 197 -19.66 5.21 25.67
C PHE A 197 -18.96 6.36 24.94
N THR A 198 -19.41 6.67 23.73
CA THR A 198 -18.85 7.78 22.96
C THR A 198 -18.90 9.10 23.74
N MET A 199 -20.06 9.41 24.28
CA MET A 199 -20.32 10.72 24.89
C MET A 199 -20.04 10.79 26.39
N GLY A 200 -20.16 9.68 27.10
CA GLY A 200 -20.00 9.69 28.56
C GLY A 200 -18.71 9.07 29.10
N VAL A 201 -18.09 8.18 28.30
CA VAL A 201 -16.92 7.44 28.73
C VAL A 201 -15.64 7.90 28.01
N GLU A 202 -15.68 7.89 26.67
CA GLU A 202 -14.53 8.34 25.82
C GLU A 202 -13.88 9.68 26.22
N PRO A 203 -14.69 10.71 26.56
CA PRO A 203 -14.12 11.98 27.06
C PRO A 203 -13.37 11.89 28.39
N HIS A 204 -13.51 10.78 29.11
CA HIS A 204 -12.87 10.65 30.43
C HIS A 204 -11.83 9.56 30.51
N ILE A 205 -11.26 9.19 29.37
CA ILE A 205 -10.24 8.14 29.31
C ILE A 205 -9.13 8.56 28.36
N GLY A 206 -8.00 7.86 28.44
CA GLY A 206 -6.86 8.16 27.57
C GLY A 206 -6.10 9.46 27.83
N LYS A 207 -6.33 10.08 28.99
CA LYS A 207 -5.78 11.42 29.32
C LYS A 207 -4.28 11.43 29.65
N GLU A 208 -3.89 10.68 30.67
CA GLU A 208 -2.50 10.67 31.18
C GLU A 208 -1.63 9.58 30.55
N LYS A 209 -2.30 8.62 29.92
CA LYS A 209 -1.67 7.41 29.39
C LYS A 209 -2.72 6.73 28.49
N PRO A 210 -2.29 5.78 27.63
CA PRO A 210 -3.29 5.05 26.89
C PRO A 210 -4.24 4.24 27.77
N THR A 211 -5.47 4.11 27.31
N THR A 211 -5.46 4.07 27.42
CA THR A 211 -6.49 3.32 28.02
CA THR A 211 -6.47 3.26 28.06
C THR A 211 -6.99 2.16 27.18
C THR A 211 -7.06 2.16 27.17
N PHE A 212 -6.84 0.93 27.69
CA PHE A 212 -7.45 -0.25 27.05
C PHE A 212 -8.82 -0.49 27.65
N ILE A 213 -9.80 -0.60 26.77
CA ILE A 213 -11.13 -1.08 27.14
C ILE A 213 -11.31 -2.46 26.49
N TYR A 214 -11.60 -3.47 27.31
CA TYR A 214 -11.82 -4.84 26.80
C TYR A 214 -13.19 -5.37 27.25
N HIS A 215 -13.59 -6.52 26.70
CA HIS A 215 -14.89 -7.11 27.00
C HIS A 215 -16.03 -6.17 26.60
N PHE A 216 -15.97 -5.67 25.36
CA PHE A 216 -17.10 -5.00 24.74
C PHE A 216 -18.28 -5.98 24.79
N PRO A 217 -19.52 -5.46 24.75
CA PRO A 217 -20.70 -6.34 24.72
C PRO A 217 -20.73 -7.26 23.51
N ALA A 218 -21.33 -8.44 23.65
CA ALA A 218 -21.45 -9.40 22.55
C ALA A 218 -21.85 -8.79 21.19
N SER A 219 -22.76 -7.82 21.20
CA SER A 219 -23.23 -7.09 19.99
C SER A 219 -22.16 -6.27 19.32
N GLN A 220 -21.13 -5.91 20.10
CA GLN A 220 -20.02 -5.12 19.58
C GLN A 220 -18.75 -5.98 19.51
N ALA A 221 -18.94 -7.27 19.21
CA ALA A 221 -17.81 -8.21 19.11
C ALA A 221 -16.85 -7.91 17.96
N SER A 222 -17.40 -7.46 16.82
CA SER A 222 -16.60 -7.31 15.59
C SER A 222 -15.87 -8.64 15.33
N LEU A 223 -14.56 -8.63 15.15
CA LEU A 223 -13.77 -9.83 14.83
C LEU A 223 -13.60 -10.83 16.00
N ALA A 224 -14.02 -10.42 17.19
CA ALA A 224 -13.75 -11.19 18.41
C ALA A 224 -14.64 -12.40 18.61
N GLN A 225 -14.05 -13.46 19.16
CA GLN A 225 -14.79 -14.56 19.76
C GLN A 225 -15.57 -14.03 20.97
N ILE A 226 -16.75 -14.61 21.21
CA ILE A 226 -17.49 -14.38 22.45
C ILE A 226 -16.70 -14.98 23.62
N SER A 227 -16.74 -14.32 24.78
CA SER A 227 -16.09 -14.82 25.98
C SER A 227 -16.81 -16.08 26.48
N THR A 228 -16.09 -17.20 26.59
N THR A 228 -16.07 -17.18 26.60
CA THR A 228 -16.76 -18.45 26.98
CA THR A 228 -16.63 -18.47 26.99
C THR A 228 -17.28 -18.39 28.41
C THR A 228 -17.18 -18.46 28.42
N GLU A 229 -16.62 -17.59 29.26
CA GLU A 229 -17.02 -17.46 30.66
C GLU A 229 -18.26 -16.58 30.87
N ASP A 230 -18.48 -15.63 29.96
CA ASP A 230 -19.62 -14.74 30.04
C ASP A 230 -20.04 -14.32 28.64
N HIS A 231 -21.09 -14.97 28.14
CA HIS A 231 -21.51 -14.78 26.74
C HIS A 231 -22.00 -13.39 26.43
N ARG A 232 -22.14 -12.58 27.47
CA ARG A 232 -22.58 -11.19 27.33
C ARG A 232 -21.48 -10.29 26.75
N VAL A 233 -20.23 -10.77 26.79
CA VAL A 233 -19.11 -9.96 26.30
C VAL A 233 -18.25 -10.71 25.27
N ALA A 234 -17.42 -9.95 24.56
CA ALA A 234 -16.54 -10.50 23.53
C ALA A 234 -15.07 -10.30 23.93
N GLU A 235 -14.21 -11.19 23.44
CA GLU A 235 -12.78 -11.02 23.59
C GLU A 235 -12.20 -9.97 22.63
N ARG A 236 -12.75 -8.76 22.71
CA ARG A 236 -12.24 -7.61 21.98
C ARG A 236 -11.69 -6.56 22.94
N PHE A 237 -10.54 -5.98 22.61
CA PHE A 237 -10.10 -4.71 23.22
C PHE A 237 -9.98 -3.53 22.21
N GLU A 238 -10.06 -2.32 22.75
CA GLU A 238 -9.86 -1.11 21.97
C GLU A 238 -8.95 -0.20 22.82
N VAL A 239 -7.94 0.41 22.20
CA VAL A 239 -7.11 1.44 22.85
C VAL A 239 -7.43 2.88 22.44
N TYR A 240 -7.52 3.73 23.47
CA TYR A 240 -7.78 5.17 23.35
C TYR A 240 -6.67 5.98 24.01
N TYR A 241 -6.30 7.07 23.36
CA TYR A 241 -5.28 7.95 23.86
C TYR A 241 -5.56 9.37 23.40
N LYS A 242 -5.66 10.29 24.37
CA LYS A 242 -5.90 11.71 24.07
C LYS A 242 -7.10 11.89 23.16
N GLY A 243 -8.16 11.12 23.37
CA GLY A 243 -9.40 11.31 22.61
C GLY A 243 -9.44 10.58 21.29
N ILE A 244 -8.36 9.85 20.98
CA ILE A 244 -8.18 9.18 19.69
C ILE A 244 -8.29 7.66 19.85
N GLU A 245 -9.04 7.03 18.95
CA GLU A 245 -9.10 5.58 18.87
C GLU A 245 -7.89 5.09 18.08
N LEU A 246 -6.99 4.35 18.72
CA LEU A 246 -5.74 3.99 18.06
C LEU A 246 -5.74 2.58 17.48
N ALA A 247 -6.44 1.66 18.15
CA ALA A 247 -6.32 0.24 17.84
C ALA A 247 -7.47 -0.61 18.38
N ASN A 248 -7.77 -1.67 17.63
CA ASN A 248 -8.71 -2.71 18.02
CA ASN A 248 -8.70 -2.71 18.05
C ASN A 248 -8.02 -4.07 17.93
N GLY A 249 -8.14 -4.88 18.99
CA GLY A 249 -7.58 -6.22 19.03
C GLY A 249 -8.59 -7.27 19.44
N PHE A 250 -8.37 -8.51 19.02
CA PHE A 250 -9.36 -9.56 19.20
C PHE A 250 -8.69 -10.90 19.47
N HIS A 251 -9.33 -11.76 20.26
CA HIS A 251 -9.09 -13.19 20.16
C HIS A 251 -9.84 -13.64 18.90
N GLU A 252 -9.08 -14.02 17.88
CA GLU A 252 -9.60 -14.22 16.52
C GLU A 252 -10.46 -15.49 16.41
N LEU A 253 -11.45 -15.43 15.54
CA LEU A 253 -12.27 -16.59 15.16
C LEU A 253 -11.52 -17.65 14.35
N THR A 254 -11.47 -18.88 14.89
CA THR A 254 -10.86 -19.97 14.15
C THR A 254 -11.89 -20.94 13.55
N ASP A 255 -13.14 -20.86 13.98
CA ASP A 255 -14.15 -21.83 13.52
C ASP A 255 -14.81 -21.41 12.19
N ALA A 256 -14.57 -22.21 11.14
CA ALA A 256 -15.09 -21.92 9.81
C ALA A 256 -16.60 -21.70 9.79
N ARG A 257 -17.36 -22.65 10.35
CA ARG A 257 -18.84 -22.59 10.40
C ARG A 257 -19.34 -21.33 11.09
N GLU A 258 -18.75 -21.03 12.25
CA GLU A 258 -19.07 -19.80 12.98
C GLU A 258 -18.78 -18.55 12.16
N GLN A 259 -17.63 -18.51 11.47
CA GLN A 259 -17.26 -17.36 10.65
C GLN A 259 -18.24 -17.18 9.52
N GLN A 260 -18.58 -18.28 8.87
CA GLN A 260 -19.49 -18.29 7.74
C GLN A 260 -20.90 -17.82 8.13
N GLN A 261 -21.35 -18.22 9.32
CA GLN A 261 -22.62 -17.74 9.86
C GLN A 261 -22.60 -16.22 10.00
N ARG A 262 -21.46 -15.68 10.48
CA ARG A 262 -21.28 -14.23 10.57
C ARG A 262 -21.45 -13.55 9.22
N PHE A 263 -20.82 -14.08 8.18
CA PHE A 263 -20.88 -13.46 6.84
C PHE A 263 -22.29 -13.53 6.26
N GLU A 264 -22.92 -14.69 6.44
CA GLU A 264 -24.27 -14.91 5.96
C GLU A 264 -25.25 -14.01 6.70
N GLN A 265 -25.11 -13.92 8.03
CA GLN A 265 -25.94 -12.97 8.78
C GLN A 265 -25.73 -11.54 8.25
N ASP A 266 -24.47 -11.15 8.07
CA ASP A 266 -24.14 -9.84 7.50
C ASP A 266 -24.92 -9.57 6.20
N ASN A 267 -24.85 -10.50 5.23
CA ASN A 267 -25.47 -10.29 3.93
C ASN A 267 -26.98 -10.31 3.98
N ARG A 268 -27.54 -11.11 4.90
CA ARG A 268 -28.97 -11.09 5.19
C ARG A 268 -29.40 -9.69 5.68
N LYS A 269 -28.63 -9.08 6.59
CA LYS A 269 -28.94 -7.74 7.09
C LYS A 269 -28.80 -6.64 6.01
N ARG A 270 -27.73 -6.72 5.24
CA ARG A 270 -27.48 -5.79 4.13
C ARG A 270 -28.67 -5.75 3.17
N ALA A 271 -29.24 -6.92 2.88
CA ALA A 271 -30.42 -7.06 2.05
C ALA A 271 -31.60 -6.32 2.67
N ALA A 272 -31.82 -6.55 3.96
CA ALA A 272 -32.89 -5.89 4.72
C ALA A 272 -32.75 -4.36 4.70
N ARG A 273 -31.51 -3.87 4.65
CA ARG A 273 -31.19 -2.45 4.59
C ARG A 273 -31.18 -1.97 3.13
N LEU A 275 -28.69 -2.18 0.98
CA LEU A 275 -27.27 -2.34 0.65
C LEU A 275 -27.02 -3.61 -0.17
N PRO A 276 -26.10 -3.51 -1.17
CA PRO A 276 -25.68 -4.67 -1.97
C PRO A 276 -25.18 -5.85 -1.12
N GLN A 277 -25.48 -7.07 -1.57
CA GLN A 277 -24.93 -8.27 -0.96
C GLN A 277 -23.51 -8.49 -1.46
N GLN A 278 -22.61 -8.82 -0.53
CA GLN A 278 -21.18 -8.81 -0.83
C GLN A 278 -20.59 -10.19 -1.16
N PRO A 279 -19.71 -10.27 -2.19
CA PRO A 279 -19.03 -11.53 -2.52
C PRO A 279 -18.14 -12.02 -1.38
N ILE A 280 -18.60 -13.08 -0.72
CA ILE A 280 -17.93 -13.66 0.45
C ILE A 280 -16.51 -14.19 0.18
N ASP A 281 -15.61 -14.05 1.14
CA ASP A 281 -14.27 -14.58 0.94
C ASP A 281 -14.24 -16.08 1.24
N GLN A 282 -14.55 -16.88 0.22
CA GLN A 282 -14.50 -18.34 0.37
C GLN A 282 -13.07 -18.84 0.68
N ASN A 283 -12.07 -18.16 0.13
CA ASN A 283 -10.69 -18.47 0.44
C ASN A 283 -10.41 -18.42 1.95
N LEU A 284 -10.91 -17.39 2.62
N LEU A 284 -10.91 -17.39 2.62
CA LEU A 284 -10.81 -17.29 4.08
CA LEU A 284 -10.80 -17.31 4.09
C LEU A 284 -11.52 -18.45 4.80
C LEU A 284 -11.52 -18.47 4.79
N LEU A 285 -12.78 -18.73 4.43
CA LEU A 285 -13.50 -19.88 4.99
C LEU A 285 -12.77 -21.19 4.69
N ASP A 286 -12.21 -21.32 3.50
CA ASP A 286 -11.38 -22.51 3.14
C ASP A 286 -10.15 -22.64 4.04
N ALA A 287 -9.52 -21.50 4.40
CA ALA A 287 -8.33 -21.50 5.26
C ALA A 287 -8.71 -21.96 6.67
N LEU A 288 -9.84 -21.47 7.16
CA LEU A 288 -10.32 -21.85 8.49
C LEU A 288 -10.67 -23.34 8.54
N ALA A 289 -11.17 -23.86 7.42
CA ALA A 289 -11.46 -25.30 7.35
C ALA A 289 -10.18 -26.14 7.41
N ALA A 290 -9.14 -25.72 6.68
CA ALA A 290 -7.84 -26.39 6.79
C ALA A 290 -7.25 -26.31 8.21
N GLY A 291 -7.48 -25.18 8.89
CA GLY A 291 -6.99 -25.01 10.25
C GLY A 291 -6.15 -23.75 10.42
N LEU A 292 -6.71 -22.79 11.16
CA LEU A 292 -6.02 -21.58 11.58
C LEU A 292 -5.59 -21.73 13.03
N PRO A 293 -4.29 -21.60 13.33
CA PRO A 293 -3.86 -21.65 14.73
C PRO A 293 -4.63 -20.68 15.62
N ASP A 294 -4.98 -21.10 16.83
CA ASP A 294 -5.52 -20.15 17.80
C ASP A 294 -4.60 -18.93 17.88
N CYS A 295 -5.20 -17.73 17.82
CA CYS A 295 -4.40 -16.49 17.81
C CYS A 295 -5.21 -15.27 18.20
N SER A 296 -4.48 -14.25 18.67
CA SER A 296 -5.05 -12.93 18.83
C SER A 296 -4.36 -12.00 17.85
N GLY A 297 -5.12 -11.05 17.32
CA GLY A 297 -4.57 -10.11 16.34
C GLY A 297 -5.01 -8.70 16.68
N VAL A 298 -4.30 -7.70 16.17
CA VAL A 298 -4.60 -6.30 16.49
C VAL A 298 -4.41 -5.43 15.25
N ALA A 299 -5.31 -4.47 15.05
CA ALA A 299 -5.21 -3.50 13.97
C ALA A 299 -5.04 -2.10 14.58
N LEU A 300 -3.91 -1.46 14.25
CA LEU A 300 -3.57 -0.14 14.78
C LEU A 300 -3.41 0.91 13.66
N GLY A 301 -4.04 2.06 13.88
CA GLY A 301 -3.94 3.22 12.96
C GLY A 301 -2.63 3.98 13.09
N VAL A 302 -1.72 3.70 12.17
CA VAL A 302 -0.41 4.33 12.15
C VAL A 302 -0.43 5.86 11.98
N ASP A 303 -1.26 6.37 11.09
CA ASP A 303 -1.41 7.82 10.90
C ASP A 303 -1.84 8.54 12.20
N ARG A 304 -2.76 7.94 12.95
CA ARG A 304 -3.14 8.46 14.25
C ARG A 304 -2.00 8.34 15.27
N LEU A 305 -1.28 7.23 15.23
CA LEU A 305 -0.13 7.10 16.14
C LEU A 305 0.90 8.20 15.89
N VAL A 306 1.21 8.43 14.62
CA VAL A 306 2.19 9.45 14.24
C VAL A 306 1.64 10.83 14.65
N MET A 307 0.36 11.10 14.36
CA MET A 307 -0.28 12.37 14.78
C MET A 307 -0.06 12.66 16.29
N LEU A 308 -0.38 11.67 17.13
CA LEU A 308 -0.18 11.79 18.57
C LEU A 308 1.27 11.94 18.94
N ALA A 309 2.16 11.17 18.29
CA ALA A 309 3.59 11.29 18.62
C ALA A 309 4.12 12.70 18.31
N LEU A 310 3.53 13.36 17.29
CA LEU A 310 3.89 14.74 16.94
C LEU A 310 3.11 15.87 17.66
N GLY A 311 2.13 15.50 18.50
CA GLY A 311 1.19 16.49 19.05
C GLY A 311 0.47 17.32 17.99
N ALA A 312 0.21 16.70 16.84
CA ALA A 312 -0.48 17.30 15.68
C ALA A 312 -1.98 17.12 15.88
N GLU A 313 -2.79 17.90 15.17
CA GLU A 313 -4.23 17.81 15.42
C GLU A 313 -5.08 17.20 14.31
N SER A 314 -4.47 16.92 13.16
CA SER A 314 -5.16 16.15 12.14
C SER A 314 -4.24 15.26 11.32
N LEU A 315 -4.84 14.36 10.54
CA LEU A 315 -4.09 13.45 9.69
C LEU A 315 -3.38 14.21 8.56
N ALA A 316 -3.84 15.43 8.26
CA ALA A 316 -3.23 16.22 7.21
C ALA A 316 -1.82 16.66 7.58
N ASP A 317 -1.49 16.57 8.88
CA ASP A 317 -0.17 16.89 9.40
C ASP A 317 0.86 15.76 9.29
N VAL A 318 0.42 14.53 9.00
CA VAL A 318 1.29 13.36 9.04
C VAL A 318 1.25 12.50 7.78
N ILE A 319 0.27 12.79 6.92
CA ILE A 319 0.12 12.11 5.64
C ILE A 319 0.57 13.07 4.55
N ALA A 320 1.41 12.60 3.64
CA ALA A 320 2.07 13.48 2.67
C ALA A 320 1.09 14.26 1.84
N PHE A 321 0.08 13.58 1.32
CA PHE A 321 -1.02 14.20 0.62
C PHE A 321 -2.32 13.48 0.99
N THR A 322 -3.15 14.15 1.80
CA THR A 322 -4.49 13.67 2.07
C THR A 322 -5.34 13.72 0.79
N VAL A 323 -6.52 13.08 0.82
CA VAL A 323 -7.26 12.80 -0.41
C VAL A 323 -7.69 14.09 -1.12
N ASP A 324 -7.85 15.16 -0.36
CA ASP A 324 -8.34 16.44 -0.91
C ASP A 324 -7.33 17.09 -1.87
N ARG A 325 -6.07 16.67 -1.77
CA ARG A 325 -5.04 17.18 -2.69
C ARG A 325 -4.17 16.10 -3.40
N ALA A 326 -4.40 14.83 -3.09
CA ALA A 326 -3.73 13.70 -3.75
C ALA A 326 -4.02 13.68 -5.24
N ALA B 6 -4.85 -25.98 -3.04
CA ALA B 6 -6.13 -25.27 -2.79
C ALA B 6 -5.89 -23.80 -2.98
N THR B 7 -6.88 -23.12 -3.55
N THR B 7 -6.89 -23.11 -3.52
CA THR B 7 -6.76 -21.68 -3.82
CA THR B 7 -6.76 -21.68 -3.82
C THR B 7 -6.52 -20.80 -2.57
C THR B 7 -6.58 -20.78 -2.58
N TRP B 8 -6.88 -21.31 -1.39
CA TRP B 8 -6.72 -20.53 -0.15
C TRP B 8 -5.27 -20.28 0.23
N GLN B 9 -4.40 -21.19 -0.19
N GLN B 9 -4.41 -21.23 -0.13
CA GLN B 9 -2.99 -21.14 0.16
CA GLN B 9 -2.97 -21.20 0.17
C GLN B 9 -2.32 -20.00 -0.59
C GLN B 9 -2.31 -20.05 -0.58
N PRO B 10 -1.26 -19.43 0.00
CA PRO B 10 -0.54 -18.37 -0.68
C PRO B 10 0.14 -18.92 -1.93
N SER B 11 0.29 -18.05 -2.92
CA SER B 11 1.08 -18.28 -4.11
C SER B 11 2.54 -18.58 -3.73
N ALA B 12 3.12 -17.72 -2.88
CA ALA B 12 4.52 -17.85 -2.56
C ALA B 12 4.73 -18.78 -1.35
N SER B 13 5.80 -19.57 -1.38
CA SER B 13 6.16 -20.40 -0.24
C SER B 13 6.63 -19.58 0.97
N ILE B 14 6.54 -20.17 2.15
CA ILE B 14 7.08 -19.58 3.40
C ILE B 14 8.58 -19.15 3.29
N PRO B 15 9.48 -20.08 2.91
CA PRO B 15 10.89 -19.70 2.70
C PRO B 15 11.09 -18.49 1.77
N ASN B 16 10.28 -18.37 0.71
CA ASN B 16 10.42 -17.26 -0.25
C ASN B 16 9.97 -15.93 0.36
N LEU B 17 8.89 -15.98 1.14
CA LEU B 17 8.45 -14.78 1.84
C LEU B 17 9.40 -14.30 2.94
N LEU B 18 10.13 -15.22 3.53
CA LEU B 18 11.09 -14.88 4.57
C LEU B 18 12.30 -14.23 3.91
N LYS B 19 12.69 -14.76 2.75
CA LYS B 19 13.73 -14.16 1.95
C LYS B 19 13.28 -12.80 1.36
N ARG B 20 12.03 -12.68 0.93
CA ARG B 20 11.51 -11.40 0.49
C ARG B 20 11.62 -10.29 1.55
N ALA B 21 11.27 -10.62 2.80
CA ALA B 21 11.37 -9.67 3.90
C ALA B 21 12.82 -9.27 4.17
N ALA B 22 13.75 -10.22 4.10
CA ALA B 22 15.19 -9.92 4.30
C ALA B 22 15.68 -8.95 3.24
N ILE B 23 15.25 -9.17 1.98
CA ILE B 23 15.55 -8.24 0.88
C ILE B 23 14.96 -6.84 1.07
N MET B 24 13.68 -6.76 1.47
CA MET B 24 13.06 -5.47 1.79
C MET B 24 13.92 -4.73 2.81
N ALA B 25 14.39 -5.45 3.81
CA ALA B 25 15.14 -4.81 4.90
C ALA B 25 16.55 -4.41 4.47
N GLU B 26 17.11 -5.19 3.55
CA GLU B 26 18.38 -4.90 2.88
C GLU B 26 18.35 -3.63 1.99
N ILE B 27 17.26 -3.45 1.24
CA ILE B 27 17.01 -2.23 0.45
C ILE B 27 16.93 -1.01 1.40
N ARG B 28 16.16 -1.17 2.49
CA ARG B 28 16.09 -0.12 3.50
C ARG B 28 17.45 0.21 4.13
N ARG B 29 18.26 -0.81 4.43
N ARG B 29 18.26 -0.79 4.42
CA ARG B 29 19.62 -0.60 4.93
CA ARG B 29 19.62 -0.55 4.92
C ARG B 29 20.54 0.11 3.93
C ARG B 29 20.47 0.22 3.91
N PHE B 30 20.33 -0.15 2.64
CA PHE B 30 21.13 0.45 1.54
C PHE B 30 20.93 1.95 1.58
N PHE B 31 19.66 2.34 1.64
CA PHE B 31 19.32 3.76 1.58
C PHE B 31 19.59 4.52 2.88
N ALA B 32 19.38 3.85 4.01
CA ALA B 32 19.74 4.38 5.33
C ALA B 32 21.24 4.68 5.43
N ASP B 33 22.06 3.77 4.91
CA ASP B 33 23.52 3.94 4.91
C ASP B 33 23.97 5.15 4.08
N ARG B 34 23.14 5.52 3.11
CA ARG B 34 23.44 6.63 2.21
C ARG B 34 22.67 7.89 2.60
N GLY B 35 21.99 7.83 3.74
CA GLY B 35 21.24 8.96 4.29
C GLY B 35 20.07 9.39 3.42
N VAL B 36 19.47 8.46 2.68
CA VAL B 36 18.32 8.80 1.83
C VAL B 36 17.03 8.60 2.65
N LEU B 37 16.10 9.55 2.59
CA LEU B 37 14.89 9.48 3.43
C LEU B 37 13.80 8.61 2.84
N GLU B 38 13.11 7.76 3.63
CA GLU B 38 11.94 7.03 3.05
C GLU B 38 10.65 7.84 3.20
N VAL B 39 9.85 7.88 2.12
CA VAL B 39 8.54 8.55 2.14
C VAL B 39 7.43 7.59 1.69
N GLU B 40 6.20 8.04 1.92
CA GLU B 40 4.97 7.32 1.56
C GLU B 40 4.07 8.32 0.89
N THR B 41 3.55 7.97 -0.27
CA THR B 41 2.70 8.90 -1.00
C THR B 41 1.43 8.11 -1.37
N PRO B 42 0.40 8.80 -1.83
CA PRO B 42 -0.86 8.12 -2.07
C PRO B 42 -0.81 6.95 -3.06
N CYS B 43 -1.68 5.98 -2.83
CA CYS B 43 -2.01 4.99 -3.84
C CYS B 43 -3.18 5.46 -4.73
N MET B 44 -3.91 6.48 -4.26
N MET B 44 -3.91 6.49 -4.27
CA MET B 44 -5.06 7.02 -4.99
CA MET B 44 -5.07 7.03 -4.98
C MET B 44 -4.95 8.52 -5.23
C MET B 44 -4.91 8.52 -5.26
N SER B 45 -5.43 8.95 -6.41
CA SER B 45 -5.35 10.35 -6.81
C SER B 45 -6.59 10.81 -7.55
N GLN B 46 -6.94 12.11 -7.42
CA GLN B 46 -7.97 12.70 -8.31
C GLN B 46 -7.45 12.90 -9.73
N ALA B 47 -6.13 12.79 -9.90
CA ALA B 47 -5.51 12.89 -11.22
C ALA B 47 -5.00 11.54 -11.71
N THR B 48 -4.57 11.50 -12.97
CA THR B 48 -4.09 10.26 -13.56
C THR B 48 -2.87 10.53 -14.47
N VAL B 49 -2.48 9.55 -15.28
CA VAL B 49 -1.34 9.73 -16.22
C VAL B 49 -1.84 9.73 -17.66
N THR B 50 -1.09 10.35 -18.58
CA THR B 50 -1.43 10.38 -20.02
C THR B 50 -0.56 9.43 -20.87
N ASP B 51 0.54 8.94 -20.29
CA ASP B 51 1.42 7.92 -20.86
C ASP B 51 0.61 6.89 -21.64
N ILE B 52 0.97 6.69 -22.90
CA ILE B 52 0.16 5.90 -23.83
C ILE B 52 0.24 4.43 -23.50
N HIS B 53 1.20 4.06 -22.67
CA HIS B 53 1.39 2.64 -22.45
C HIS B 53 0.66 2.17 -21.19
N LEU B 54 0.07 3.10 -20.47
CA LEU B 54 -0.45 2.83 -19.13
C LEU B 54 -1.97 2.85 -19.03
N PHE B 55 -2.48 1.88 -18.27
CA PHE B 55 -3.90 1.70 -18.04
C PHE B 55 -4.16 1.65 -16.54
N PRO B 56 -4.63 2.76 -15.99
CA PRO B 56 -4.90 2.80 -14.56
C PRO B 56 -6.21 2.12 -14.16
N PHE B 57 -6.33 1.83 -12.86
CA PHE B 57 -7.58 1.42 -12.26
C PHE B 57 -8.30 2.69 -11.84
N GLU B 58 -9.62 2.69 -11.97
CA GLU B 58 -10.46 3.79 -11.51
C GLU B 58 -11.45 3.26 -10.49
N THR B 59 -11.77 4.08 -9.50
CA THR B 59 -12.68 3.71 -8.42
C THR B 59 -13.38 4.96 -7.91
N ARG B 60 -14.56 4.76 -7.35
CA ARG B 60 -15.45 5.87 -7.00
C ARG B 60 -15.35 6.16 -5.51
N PHE B 61 -15.09 7.43 -5.18
CA PHE B 61 -14.98 7.90 -3.80
C PHE B 61 -16.25 8.69 -3.43
N VAL B 62 -16.81 8.43 -2.24
CA VAL B 62 -17.97 9.17 -1.75
C VAL B 62 -17.82 10.71 -1.70
N GLY B 63 -16.63 11.17 -1.35
CA GLY B 63 -16.34 12.60 -1.34
C GLY B 63 -16.74 13.27 -0.03
N PRO B 64 -16.56 14.61 0.06
CA PRO B 64 -16.79 15.30 1.34
C PRO B 64 -18.28 15.55 1.64
N GLN B 68 -21.03 15.38 -3.09
CA GLN B 68 -21.18 14.06 -3.67
C GLN B 68 -19.86 13.54 -4.28
N GLY B 69 -19.88 12.28 -4.72
CA GLY B 69 -18.72 11.52 -5.19
C GLY B 69 -17.71 12.11 -6.17
N ILE B 70 -16.57 11.45 -6.24
CA ILE B 70 -15.38 11.90 -6.96
C ILE B 70 -14.74 10.67 -7.59
N ASN B 71 -14.28 10.76 -8.84
CA ASN B 71 -13.49 9.67 -9.42
C ASN B 71 -12.03 9.68 -8.96
N LEU B 72 -11.55 8.53 -8.45
CA LEU B 72 -10.14 8.37 -8.08
C LEU B 72 -9.41 7.38 -9.00
N TYR B 73 -8.13 7.63 -9.24
CA TYR B 73 -7.34 6.69 -10.04
C TYR B 73 -6.29 6.08 -9.14
N LEU B 74 -5.97 4.80 -9.33
CA LEU B 74 -4.89 4.19 -8.53
C LEU B 74 -3.54 4.56 -9.15
N MET B 75 -2.48 4.65 -8.35
CA MET B 75 -1.23 5.12 -8.93
C MET B 75 -0.39 4.00 -9.59
N THR B 76 -0.10 4.26 -10.86
CA THR B 76 0.81 3.47 -11.67
C THR B 76 2.26 3.58 -11.22
N SER B 77 2.65 4.74 -10.70
CA SER B 77 3.94 4.93 -10.00
C SER B 77 3.80 6.12 -9.05
N PRO B 78 4.67 6.21 -8.00
CA PRO B 78 4.60 7.37 -7.10
C PRO B 78 5.25 8.67 -7.63
N GLU B 79 5.67 8.69 -8.89
CA GLU B 79 6.45 9.79 -9.50
C GLU B 79 5.92 11.18 -9.24
N TYR B 80 4.64 11.41 -9.56
CA TYR B 80 4.06 12.75 -9.52
C TYR B 80 3.99 13.27 -8.08
N HIS B 81 3.68 12.40 -7.10
CA HIS B 81 3.64 12.85 -5.70
C HIS B 81 5.06 13.08 -5.15
N MET B 82 6.00 12.23 -5.55
CA MET B 82 7.40 12.42 -5.11
C MET B 82 8.04 13.67 -5.73
N LYS B 83 7.65 14.02 -6.96
CA LYS B 83 8.09 15.31 -7.54
C LYS B 83 7.52 16.50 -6.79
N ARG B 84 6.28 16.37 -6.33
CA ARG B 84 5.66 17.42 -5.51
C ARG B 84 6.43 17.60 -4.19
N LEU B 85 6.78 16.50 -3.56
CA LEU B 85 7.64 16.52 -2.36
C LEU B 85 9.00 17.16 -2.67
N LEU B 86 9.62 16.73 -3.77
CA LEU B 86 10.89 17.31 -4.20
C LEU B 86 10.81 18.83 -4.40
N ALA B 87 9.76 19.31 -5.07
CA ALA B 87 9.58 20.76 -5.26
C ALA B 87 9.41 21.45 -3.90
N ALA B 88 8.85 20.74 -2.91
CA ALA B 88 8.70 21.30 -1.55
C ALA B 88 9.95 21.19 -0.65
N GLY B 89 11.03 20.58 -1.14
CA GLY B 89 12.31 20.57 -0.38
C GLY B 89 12.70 19.27 0.30
N CYS B 90 12.03 18.17 -0.04
N CYS B 90 12.03 18.20 -0.10
CA CYS B 90 12.27 16.90 0.66
CA CYS B 90 12.22 16.87 0.49
C CYS B 90 13.70 16.30 0.54
C CYS B 90 13.67 16.38 0.54
N GLY B 91 14.45 16.67 -0.48
CA GLY B 91 15.81 16.13 -0.64
C GLY B 91 15.78 14.69 -1.19
N PRO B 92 16.91 13.96 -1.16
CA PRO B 92 16.94 12.56 -1.68
C PRO B 92 16.00 11.66 -0.91
N VAL B 93 15.11 10.97 -1.62
CA VAL B 93 14.07 10.19 -0.99
C VAL B 93 13.89 8.91 -1.75
N PHE B 94 13.56 7.84 -1.04
CA PHE B 94 13.08 6.61 -1.68
C PHE B 94 11.67 6.24 -1.20
N GLN B 95 11.00 5.37 -1.95
CA GLN B 95 9.73 4.82 -1.56
C GLN B 95 9.61 3.34 -1.99
N LEU B 96 9.06 2.54 -1.08
CA LEU B 96 8.66 1.15 -1.35
C LEU B 96 7.15 1.05 -1.27
N CYS B 97 6.47 1.12 -2.42
CA CYS B 97 5.02 1.27 -2.38
C CYS B 97 4.35 0.15 -3.18
N ARG B 98 3.06 -0.06 -2.97
CA ARG B 98 2.28 -0.83 -3.93
C ARG B 98 1.88 0.11 -5.05
N SER B 99 2.14 -0.32 -6.29
CA SER B 99 1.77 0.42 -7.51
C SER B 99 0.75 -0.42 -8.28
N PHE B 100 -0.03 0.22 -9.15
CA PHE B 100 -1.23 -0.40 -9.69
C PHE B 100 -1.35 -0.14 -11.18
N ARG B 101 -1.38 -1.22 -11.95
CA ARG B 101 -1.52 -1.09 -13.40
C ARG B 101 -2.55 -2.08 -13.93
N ASN B 102 -3.58 -1.58 -14.62
CA ASN B 102 -4.68 -2.44 -15.03
C ASN B 102 -4.23 -3.27 -16.22
N GLU B 103 -3.49 -4.35 -15.96
CA GLU B 103 -3.01 -5.27 -17.01
C GLU B 103 -3.02 -6.69 -16.47
N GLU B 104 -3.36 -7.65 -17.35
CA GLU B 104 -3.50 -9.07 -16.98
C GLU B 104 -2.26 -9.60 -16.27
N MET B 105 -2.50 -10.62 -15.44
CA MET B 105 -1.42 -11.30 -14.75
C MET B 105 -0.54 -12.03 -15.80
N GLY B 106 0.76 -12.04 -15.57
CA GLY B 106 1.66 -12.81 -16.40
C GLY B 106 2.72 -13.38 -15.50
N ARG B 107 3.60 -14.20 -16.07
CA ARG B 107 4.78 -14.63 -15.34
C ARG B 107 5.53 -13.45 -14.73
N HIS B 108 5.56 -12.31 -15.42
CA HIS B 108 6.35 -11.16 -14.92
C HIS B 108 5.54 -9.93 -14.55
N HIS B 109 4.22 -10.05 -14.51
CA HIS B 109 3.35 -8.92 -14.19
C HIS B 109 2.23 -9.33 -13.22
N ASN B 110 1.91 -8.44 -12.29
CA ASN B 110 0.72 -8.54 -11.44
C ASN B 110 0.08 -7.16 -11.44
N PRO B 111 -1.27 -7.08 -11.41
CA PRO B 111 -1.90 -5.74 -11.47
C PRO B 111 -1.55 -4.84 -10.27
N GLU B 112 -1.13 -5.44 -9.17
CA GLU B 112 -0.51 -4.70 -8.09
C GLU B 112 0.89 -5.26 -7.80
N PHE B 113 1.83 -4.36 -7.65
CA PHE B 113 3.20 -4.83 -7.51
C PHE B 113 3.99 -3.84 -6.67
N THR B 114 5.12 -4.27 -6.12
CA THR B 114 5.90 -3.40 -5.25
C THR B 114 6.90 -2.61 -6.10
N MET B 115 6.88 -1.28 -6.01
CA MET B 115 7.87 -0.48 -6.71
CA MET B 115 7.83 -0.43 -6.71
C MET B 115 8.82 0.15 -5.72
N LEU B 116 10.11 0.13 -6.09
CA LEU B 116 11.12 0.94 -5.38
C LEU B 116 11.36 2.09 -6.35
N GLU B 117 10.94 3.29 -5.95
CA GLU B 117 11.27 4.45 -6.71
C GLU B 117 12.09 5.38 -5.85
N TRP B 118 13.17 5.93 -6.41
CA TRP B 118 13.97 6.95 -5.71
C TRP B 118 14.49 8.09 -6.54
N TYR B 119 14.78 9.21 -5.87
CA TYR B 119 15.15 10.46 -6.53
C TYR B 119 16.41 11.03 -5.89
N ARG B 120 17.29 11.52 -6.76
CA ARG B 120 18.59 12.03 -6.34
C ARG B 120 18.83 13.42 -6.92
N PRO B 121 18.56 14.47 -6.11
CA PRO B 121 18.93 15.83 -6.48
C PRO B 121 20.42 15.88 -6.75
N HIS B 122 20.75 16.60 -7.81
CA HIS B 122 22.16 16.85 -8.23
C HIS B 122 22.93 15.63 -8.75
N TYR B 123 22.26 14.49 -8.93
CA TYR B 123 22.86 13.34 -9.62
C TYR B 123 22.46 13.41 -11.08
N ASP B 124 23.44 13.25 -11.97
CA ASP B 124 23.13 13.01 -13.36
C ASP B 124 22.80 11.52 -13.57
N MET B 125 22.44 11.20 -14.80
CA MET B 125 22.08 9.84 -15.19
C MET B 125 23.20 8.84 -14.89
N TYR B 126 24.45 9.23 -15.12
CA TYR B 126 25.57 8.33 -14.90
C TYR B 126 25.80 8.03 -13.43
N ARG B 127 25.73 9.06 -12.58
CA ARG B 127 25.88 8.86 -11.14
C ARG B 127 24.75 7.96 -10.58
N LEU B 128 23.55 8.13 -11.14
CA LEU B 128 22.42 7.30 -10.69
C LEU B 128 22.58 5.82 -11.13
N MET B 129 22.98 5.61 -12.38
CA MET B 129 23.27 4.26 -12.85
C MET B 129 24.23 3.56 -11.94
N ASN B 130 25.30 4.25 -11.53
CA ASN B 130 26.27 3.68 -10.61
C ASN B 130 25.65 3.25 -9.29
N GLU B 131 24.76 4.09 -8.76
CA GLU B 131 24.06 3.75 -7.51
C GLU B 131 23.12 2.53 -7.65
N VAL B 132 22.41 2.45 -8.78
CA VAL B 132 21.58 1.26 -9.08
C VAL B 132 22.45 0.00 -9.10
N ASP B 133 23.60 0.09 -9.76
CA ASP B 133 24.55 -1.02 -9.88
C ASP B 133 24.93 -1.51 -8.49
N ASP B 134 25.31 -0.60 -7.61
CA ASP B 134 25.61 -0.93 -6.22
C ASP B 134 24.48 -1.66 -5.50
N LEU B 135 23.25 -1.19 -5.64
CA LEU B 135 22.12 -1.88 -5.02
C LEU B 135 21.94 -3.29 -5.57
N LEU B 136 22.03 -3.43 -6.88
CA LEU B 136 21.92 -4.77 -7.48
C LEU B 136 23.01 -5.70 -6.98
N GLN B 137 24.25 -5.22 -6.96
CA GLN B 137 25.32 -6.03 -6.36
C GLN B 137 25.04 -6.42 -4.91
N GLN B 138 24.45 -5.52 -4.14
N GLN B 138 24.43 -5.51 -4.16
CA GLN B 138 24.14 -5.89 -2.76
CA GLN B 138 24.10 -5.74 -2.75
C GLN B 138 23.08 -6.98 -2.72
C GLN B 138 23.01 -6.82 -2.58
N VAL B 139 21.95 -6.73 -3.39
CA VAL B 139 20.82 -7.66 -3.30
C VAL B 139 21.13 -9.00 -3.96
N LEU B 140 21.65 -8.95 -5.17
CA LEU B 140 21.82 -10.16 -5.96
C LEU B 140 23.17 -10.86 -5.73
N ASP B 141 24.13 -10.18 -5.09
CA ASP B 141 25.49 -10.72 -5.02
C ASP B 141 25.90 -11.06 -6.45
N CYS B 142 25.58 -10.14 -7.36
CA CYS B 142 25.90 -10.36 -8.74
C CYS B 142 27.18 -9.57 -9.02
N GLN B 143 27.73 -9.71 -10.22
CA GLN B 143 28.89 -8.93 -10.64
C GLN B 143 28.49 -7.51 -10.97
N PRO B 144 29.46 -6.56 -10.87
CA PRO B 144 29.18 -5.18 -11.29
C PRO B 144 28.62 -5.13 -12.70
N ALA B 145 27.66 -4.23 -12.91
CA ALA B 145 26.96 -4.15 -14.16
C ALA B 145 27.85 -3.67 -15.32
N GLU B 146 27.53 -4.15 -16.51
CA GLU B 146 28.00 -3.55 -17.75
C GLU B 146 26.96 -2.52 -18.20
N SER B 147 27.42 -1.56 -19.03
CA SER B 147 26.61 -0.47 -19.57
C SER B 147 26.94 -0.28 -21.04
N LEU B 148 25.91 -0.05 -21.84
CA LEU B 148 26.09 0.33 -23.25
C LEU B 148 24.91 1.12 -23.71
N SER B 149 25.10 1.94 -24.75
CA SER B 149 23.99 2.76 -25.23
C SER B 149 23.06 1.89 -26.07
N TYR B 150 21.83 2.35 -26.24
CA TYR B 150 20.89 1.70 -27.16
C TYR B 150 21.54 1.49 -28.52
N GLN B 151 22.31 2.48 -28.99
CA GLN B 151 22.98 2.41 -30.28
C GLN B 151 24.01 1.30 -30.31
N GLN B 152 24.86 1.26 -29.28
CA GLN B 152 25.89 0.25 -29.22
C GLN B 152 25.30 -1.16 -29.19
N ALA B 153 24.19 -1.36 -28.46
CA ALA B 153 23.53 -2.68 -28.37
C ALA B 153 23.03 -3.15 -29.73
N PHE B 154 22.40 -2.25 -30.48
CA PHE B 154 21.98 -2.55 -31.86
C PHE B 154 23.17 -2.82 -32.79
N GLN B 155 24.24 -2.04 -32.66
CA GLN B 155 25.45 -2.25 -33.46
C GLN B 155 26.11 -3.61 -33.16
N ARG B 156 26.22 -3.95 -31.88
CA ARG B 156 26.96 -5.17 -31.48
C ARG B 156 26.16 -6.45 -31.76
N HIS B 157 24.84 -6.37 -31.64
CA HIS B 157 24.01 -7.57 -31.78
CA HIS B 157 23.96 -7.54 -31.76
C HIS B 157 23.29 -7.73 -33.11
N LEU B 158 22.96 -6.60 -33.76
CA LEU B 158 22.26 -6.62 -35.06
C LEU B 158 23.04 -5.99 -36.22
N GLU B 159 24.24 -5.47 -35.97
CA GLU B 159 25.03 -4.73 -36.97
C GLU B 159 24.26 -3.59 -37.64
N ILE B 160 23.37 -2.92 -36.92
CA ILE B 160 22.73 -1.73 -37.49
C ILE B 160 22.77 -0.59 -36.50
N ASP B 161 22.65 0.62 -37.05
CA ASP B 161 22.63 1.84 -36.27
C ASP B 161 21.16 2.31 -36.14
N PRO B 162 20.58 2.21 -34.92
CA PRO B 162 19.17 2.48 -34.73
C PRO B 162 18.86 3.96 -34.85
N LEU B 163 19.90 4.78 -34.87
CA LEU B 163 19.73 6.22 -34.84
C LEU B 163 19.71 6.81 -36.22
N SER B 164 20.10 5.99 -37.20
CA SER B 164 20.27 6.45 -38.56
C SER B 164 19.75 5.48 -39.62
N ALA B 165 19.54 4.21 -39.25
CA ALA B 165 19.04 3.22 -40.23
C ALA B 165 17.63 3.56 -40.72
N ASP B 166 17.41 3.48 -42.02
CA ASP B 166 16.07 3.74 -42.55
C ASP B 166 15.17 2.50 -42.39
N LYS B 167 13.89 2.62 -42.71
CA LYS B 167 12.93 1.54 -42.47
C LYS B 167 13.22 0.28 -43.30
N THR B 168 13.68 0.46 -44.54
CA THR B 168 14.13 -0.65 -45.39
C THR B 168 15.27 -1.42 -44.72
N GLN B 169 16.26 -0.66 -44.24
CA GLN B 169 17.41 -1.20 -43.51
C GLN B 169 16.98 -1.99 -42.28
N LEU B 170 15.97 -1.46 -41.59
CA LEU B 170 15.37 -2.06 -40.39
C LEU B 170 14.61 -3.35 -40.70
N ARG B 171 13.80 -3.32 -41.76
CA ARG B 171 13.04 -4.49 -42.20
C ARG B 171 13.93 -5.65 -42.63
N GLU B 172 15.00 -5.32 -43.35
N GLU B 172 15.03 -5.34 -43.32
CA GLU B 172 16.04 -6.29 -43.71
CA GLU B 172 15.98 -6.37 -43.70
C GLU B 172 16.54 -7.01 -42.46
C GLU B 172 16.67 -7.01 -42.50
N ALA B 173 16.83 -6.24 -41.41
CA ALA B 173 17.31 -6.79 -40.13
C ALA B 173 16.25 -7.69 -39.46
N ALA B 174 15.00 -7.21 -39.44
CA ALA B 174 13.87 -8.00 -38.90
C ALA B 174 13.67 -9.28 -39.72
N ALA B 175 13.93 -9.20 -41.02
CA ALA B 175 13.85 -10.35 -41.93
C ALA B 175 14.84 -11.43 -41.55
N LYS B 176 16.03 -11.02 -41.09
CA LYS B 176 17.08 -11.97 -40.71
C LYS B 176 16.80 -12.64 -39.36
N LEU B 177 15.90 -12.05 -38.58
CA LEU B 177 15.45 -12.62 -37.31
C LEU B 177 14.22 -13.51 -37.45
N ASP B 178 13.81 -13.76 -38.70
CA ASP B 178 12.61 -14.56 -39.04
C ASP B 178 11.32 -13.90 -38.53
N LEU B 179 11.23 -12.59 -38.74
CA LEU B 179 10.11 -11.78 -38.30
C LEU B 179 9.54 -11.01 -39.49
N GLU B 186 4.60 -3.21 -40.45
CA GLU B 186 4.75 -2.08 -39.53
C GLU B 186 5.32 -0.87 -40.24
N GLU B 187 4.66 0.28 -40.12
CA GLU B 187 5.06 1.48 -40.86
C GLU B 187 5.73 2.55 -39.99
N ASP B 188 5.63 2.39 -38.67
CA ASP B 188 6.32 3.30 -37.76
C ASP B 188 7.75 2.83 -37.49
N ARG B 189 8.70 3.73 -37.71
CA ARG B 189 10.12 3.46 -37.48
C ARG B 189 10.40 3.10 -36.02
N ASP B 190 9.77 3.81 -35.09
CA ASP B 190 9.97 3.52 -33.67
C ASP B 190 9.43 2.17 -33.22
N THR B 191 8.25 1.80 -33.74
CA THR B 191 7.68 0.48 -33.50
C THR B 191 8.61 -0.60 -34.06
N LEU B 192 9.14 -0.37 -35.27
CA LEU B 192 10.18 -1.25 -35.85
C LEU B 192 11.38 -1.43 -34.90
N LEU B 193 11.89 -0.32 -34.37
CA LEU B 193 13.02 -0.37 -33.42
C LEU B 193 12.66 -1.17 -32.17
N GLN B 194 11.40 -1.04 -31.74
CA GLN B 194 10.98 -1.72 -30.52
C GLN B 194 10.95 -3.23 -30.72
N LEU B 195 10.47 -3.68 -31.89
CA LEU B 195 10.45 -5.10 -32.25
C LEU B 195 11.88 -5.66 -32.33
N LEU B 196 12.73 -4.92 -33.03
CA LEU B 196 14.14 -5.27 -33.14
C LEU B 196 14.84 -5.42 -31.81
N PHE B 197 14.59 -4.49 -30.90
CA PHE B 197 15.24 -4.54 -29.61
C PHE B 197 14.75 -5.72 -28.75
N THR B 198 13.42 -5.88 -28.69
CA THR B 198 12.81 -6.97 -27.94
C THR B 198 13.24 -8.34 -28.47
N MET B 199 13.17 -8.52 -29.79
CA MET B 199 13.46 -9.82 -30.40
C MET B 199 14.92 -10.06 -30.73
N GLY B 200 15.65 -9.00 -31.04
CA GLY B 200 17.03 -9.11 -31.50
C GLY B 200 18.10 -8.75 -30.49
N VAL B 201 17.74 -7.90 -29.52
CA VAL B 201 18.72 -7.43 -28.55
C VAL B 201 18.50 -8.02 -27.15
N GLU B 202 17.28 -7.89 -26.62
CA GLU B 202 16.93 -8.41 -25.28
C GLU B 202 17.33 -9.85 -24.95
N PRO B 203 17.17 -10.82 -25.89
CA PRO B 203 17.61 -12.16 -25.52
C PRO B 203 19.11 -12.30 -25.37
N HIS B 204 19.87 -11.23 -25.62
CA HIS B 204 21.31 -11.34 -25.77
C HIS B 204 22.07 -10.36 -24.88
N ILE B 205 21.39 -9.90 -23.83
CA ILE B 205 21.96 -9.03 -22.80
C ILE B 205 21.53 -9.54 -21.42
N GLY B 206 22.22 -9.10 -20.38
CA GLY B 206 21.89 -9.47 -19.01
C GLY B 206 22.15 -10.91 -18.61
N LYS B 207 22.92 -11.64 -19.42
CA LYS B 207 23.17 -13.06 -19.13
C LYS B 207 23.94 -13.28 -17.83
N GLU B 208 25.14 -12.68 -17.75
CA GLU B 208 26.10 -12.96 -16.68
C GLU B 208 26.15 -11.90 -15.58
N LYS B 209 25.58 -10.74 -15.87
CA LYS B 209 25.56 -9.60 -14.96
C LYS B 209 24.44 -8.69 -15.46
N PRO B 210 23.94 -7.81 -14.58
CA PRO B 210 22.94 -6.84 -15.05
C PRO B 210 23.47 -6.00 -16.23
N THR B 211 22.61 -5.67 -17.18
CA THR B 211 22.99 -4.80 -18.33
C THR B 211 22.22 -3.48 -18.29
N PHE B 212 22.93 -2.36 -18.26
CA PHE B 212 22.33 -1.03 -18.34
C PHE B 212 22.32 -0.62 -19.79
N ILE B 213 21.14 -0.39 -20.34
CA ILE B 213 21.03 0.22 -21.67
C ILE B 213 20.64 1.69 -21.49
N TYR B 214 21.38 2.61 -22.11
CA TYR B 214 21.10 4.02 -21.87
C TYR B 214 21.00 4.77 -23.22
N HIS B 215 20.53 6.02 -23.19
CA HIS B 215 20.32 6.77 -24.42
C HIS B 215 19.35 6.08 -25.40
N PHE B 216 18.22 5.59 -24.88
CA PHE B 216 17.07 5.20 -25.68
C PHE B 216 16.72 6.33 -26.65
N PRO B 217 16.15 6.01 -27.82
CA PRO B 217 15.78 7.10 -28.73
C PRO B 217 14.89 8.18 -28.10
N ALA B 218 14.90 9.37 -28.69
CA ALA B 218 14.02 10.49 -28.30
C ALA B 218 12.54 10.12 -28.22
N SER B 219 12.07 9.29 -29.17
N SER B 219 12.08 9.29 -29.17
CA SER B 219 10.67 8.85 -29.20
CA SER B 219 10.68 8.85 -29.22
C SER B 219 10.32 7.99 -27.98
C SER B 219 10.32 7.86 -28.11
N GLN B 220 11.34 7.32 -27.44
CA GLN B 220 11.15 6.47 -26.28
C GLN B 220 11.68 7.20 -25.05
N ALA B 221 11.51 8.53 -25.04
CA ALA B 221 12.02 9.37 -23.97
C ALA B 221 11.40 9.02 -22.62
N SER B 222 10.12 8.62 -22.65
CA SER B 222 9.36 8.39 -21.43
C SER B 222 9.48 9.62 -20.51
N LEU B 223 10.03 9.46 -19.31
CA LEU B 223 10.10 10.59 -18.35
C LEU B 223 11.38 11.44 -18.51
N ALA B 224 12.31 10.97 -19.32
CA ALA B 224 13.65 11.59 -19.42
C ALA B 224 13.69 12.86 -20.26
N GLN B 225 14.56 13.78 -19.86
CA GLN B 225 14.99 14.87 -20.71
C GLN B 225 15.68 14.32 -21.95
N ILE B 226 15.57 15.08 -23.03
CA ILE B 226 16.33 14.82 -24.24
C ILE B 226 17.80 15.16 -23.95
N SER B 227 18.72 14.40 -24.52
CA SER B 227 20.14 14.69 -24.43
C SER B 227 20.40 16.00 -25.17
N THR B 228 21.04 16.96 -24.52
CA THR B 228 21.32 18.27 -25.17
C THR B 228 22.43 18.16 -26.21
N GLU B 229 23.23 17.11 -26.07
CA GLU B 229 24.43 16.91 -26.88
C GLU B 229 24.13 16.07 -28.15
N ASP B 230 23.00 15.37 -28.14
CA ASP B 230 22.49 14.62 -29.30
C ASP B 230 20.99 14.46 -29.14
N HIS B 231 20.24 15.32 -29.84
CA HIS B 231 18.77 15.36 -29.68
C HIS B 231 18.04 14.09 -30.14
N ARG B 232 18.76 13.17 -30.77
CA ARG B 232 18.18 11.89 -31.21
C ARG B 232 17.95 10.90 -30.03
N VAL B 233 18.50 11.25 -28.87
CA VAL B 233 18.43 10.33 -27.72
C VAL B 233 18.05 11.05 -26.43
N ALA B 234 17.65 10.24 -25.45
CA ALA B 234 17.13 10.75 -24.20
C ALA B 234 17.98 10.25 -23.08
N GLU B 235 17.91 10.98 -21.99
CA GLU B 235 18.60 10.65 -20.79
C GLU B 235 17.78 9.64 -20.00
N ARG B 236 17.59 8.49 -20.61
CA ARG B 236 16.88 7.36 -20.03
C ARG B 236 17.78 6.11 -20.08
N PHE B 237 17.74 5.33 -19.02
CA PHE B 237 18.37 4.01 -18.97
C PHE B 237 17.38 2.94 -18.48
N GLU B 238 17.64 1.71 -18.89
CA GLU B 238 16.86 0.56 -18.47
C GLU B 238 17.84 -0.52 -18.09
N VAL B 239 17.57 -1.21 -16.98
CA VAL B 239 18.35 -2.37 -16.59
C VAL B 239 17.64 -3.70 -16.84
N TYR B 240 18.39 -4.61 -17.44
CA TYR B 240 17.96 -5.95 -17.79
C TYR B 240 18.87 -6.92 -17.10
N TYR B 241 18.28 -7.99 -16.57
CA TYR B 241 19.06 -9.07 -16.02
C TYR B 241 18.32 -10.38 -16.21
N LYS B 242 19.04 -11.41 -16.69
CA LYS B 242 18.50 -12.76 -16.86
C LYS B 242 17.19 -12.77 -17.64
N GLY B 243 17.12 -11.92 -18.67
CA GLY B 243 15.96 -11.84 -19.54
C GLY B 243 14.84 -10.94 -19.04
N ILE B 244 15.02 -10.31 -17.87
CA ILE B 244 13.92 -9.52 -17.35
C ILE B 244 14.27 -8.04 -17.14
N GLU B 245 13.28 -7.19 -17.40
CA GLU B 245 13.41 -5.75 -17.19
C GLU B 245 13.18 -5.42 -15.72
N LEU B 246 14.22 -4.92 -15.08
CA LEU B 246 14.23 -4.67 -13.64
C LEU B 246 14.07 -3.21 -13.26
N ALA B 247 14.54 -2.27 -14.09
CA ALA B 247 14.45 -0.87 -13.71
C ALA B 247 14.48 0.08 -14.89
N ASN B 248 13.89 1.25 -14.68
N ASN B 248 13.88 1.24 -14.69
CA ASN B 248 13.84 2.37 -15.64
CA ASN B 248 13.95 2.35 -15.64
C ASN B 248 14.26 3.65 -14.90
C ASN B 248 14.24 3.68 -14.94
N GLY B 249 15.31 4.34 -15.37
CA GLY B 249 15.80 5.58 -14.72
C GLY B 249 16.00 6.73 -15.73
N PHE B 250 15.94 7.95 -15.25
CA PHE B 250 15.89 9.11 -16.14
C PHE B 250 16.59 10.26 -15.47
N HIS B 251 17.21 11.11 -16.26
CA HIS B 251 17.45 12.47 -15.80
C HIS B 251 16.12 13.19 -15.95
N GLU B 252 15.52 13.61 -14.85
CA GLU B 252 14.12 14.05 -14.83
C GLU B 252 13.80 15.37 -15.54
N LEU B 253 12.59 15.47 -16.11
CA LEU B 253 12.10 16.72 -16.66
C LEU B 253 11.77 17.69 -15.52
N THR B 254 12.36 18.88 -15.56
CA THR B 254 12.04 19.88 -14.55
C THR B 254 11.28 21.06 -15.12
N ASP B 255 11.26 21.20 -16.45
CA ASP B 255 10.57 22.32 -17.08
C ASP B 255 9.08 22.06 -17.23
N ALA B 256 8.24 22.94 -16.64
CA ALA B 256 6.79 22.80 -16.67
C ALA B 256 6.18 22.88 -18.08
N ARG B 257 6.67 23.81 -18.89
CA ARG B 257 6.19 23.99 -20.26
C ARG B 257 6.41 22.73 -21.08
N GLU B 258 7.63 22.19 -21.02
CA GLU B 258 7.99 20.99 -21.78
C GLU B 258 7.21 19.77 -21.28
N GLN B 259 7.04 19.67 -19.96
CA GLN B 259 6.27 18.56 -19.38
C GLN B 259 4.84 18.57 -19.92
N GLN B 260 4.22 19.74 -19.88
CA GLN B 260 2.88 19.93 -20.39
C GLN B 260 2.75 19.64 -21.89
N GLN B 261 3.71 20.07 -22.70
CA GLN B 261 3.67 19.75 -24.15
C GLN B 261 3.74 18.21 -24.38
N ARG B 262 4.57 17.54 -23.62
CA ARG B 262 4.61 16.07 -23.63
C ARG B 262 3.27 15.43 -23.28
N PHE B 263 2.59 15.94 -22.25
CA PHE B 263 1.25 15.47 -21.88
C PHE B 263 0.21 15.72 -22.98
N GLU B 264 0.28 16.91 -23.58
CA GLU B 264 -0.55 17.23 -24.73
C GLU B 264 -0.30 16.24 -25.88
N GLN B 265 0.94 16.09 -26.30
CA GLN B 265 1.28 15.05 -27.26
C GLN B 265 0.81 13.63 -26.86
N ASP B 266 1.03 13.24 -25.61
CA ASP B 266 0.51 11.96 -25.10
C ASP B 266 -0.94 11.78 -25.51
N ASN B 267 -1.76 12.75 -25.16
CA ASN B 267 -3.18 12.71 -25.45
C ASN B 267 -3.52 12.63 -26.94
N ARG B 268 -2.68 13.26 -27.76
N ARG B 268 -2.67 13.23 -27.78
CA ARG B 268 -2.85 13.23 -29.21
CA ARG B 268 -2.89 13.23 -29.24
C ARG B 268 -2.72 11.79 -29.67
C ARG B 268 -2.45 11.94 -29.93
N LYS B 269 -1.65 11.13 -29.24
CA LYS B 269 -1.29 9.79 -29.71
C LYS B 269 -2.37 8.79 -29.27
N ARG B 270 -2.90 9.02 -28.08
CA ARG B 270 -4.14 8.40 -27.62
C ARG B 270 -5.26 8.82 -28.59
N GLY B 274 -6.82 4.83 -30.48
CA GLY B 274 -8.19 4.69 -29.99
C GLY B 274 -8.27 4.51 -28.48
N LEU B 275 -7.40 5.20 -27.76
CA LEU B 275 -7.37 5.14 -26.31
C LEU B 275 -8.03 6.40 -25.74
N PRO B 276 -8.57 6.31 -24.50
CA PRO B 276 -9.22 7.48 -23.91
C PRO B 276 -8.22 8.59 -23.56
N GLN B 277 -8.71 9.82 -23.69
CA GLN B 277 -7.95 11.02 -23.45
C GLN B 277 -7.89 11.23 -21.95
N GLN B 278 -6.70 11.43 -21.39
CA GLN B 278 -6.59 11.61 -19.95
C GLN B 278 -6.34 13.08 -19.60
N PRO B 279 -6.93 13.57 -18.49
CA PRO B 279 -6.64 14.91 -17.99
C PRO B 279 -5.18 15.06 -17.53
N ILE B 280 -4.61 16.23 -17.80
CA ILE B 280 -3.29 16.60 -17.31
C ILE B 280 -3.39 17.02 -15.82
N ASP B 281 -2.54 16.40 -15.00
CA ASP B 281 -2.43 16.66 -13.56
C ASP B 281 -1.81 18.04 -13.32
N GLN B 282 -2.66 19.03 -13.01
CA GLN B 282 -2.17 20.39 -12.71
C GLN B 282 -1.24 20.48 -11.47
N ASN B 283 -1.50 19.70 -10.42
CA ASN B 283 -0.64 19.74 -9.24
C ASN B 283 0.83 19.47 -9.57
N LEU B 284 1.07 18.53 -10.48
CA LEU B 284 2.42 18.19 -10.94
C LEU B 284 3.05 19.37 -11.68
N LEU B 285 2.32 19.88 -12.68
CA LEU B 285 2.75 21.03 -13.41
C LEU B 285 3.06 22.20 -12.47
N ASP B 286 2.19 22.42 -11.48
CA ASP B 286 2.31 23.51 -10.51
C ASP B 286 3.56 23.37 -9.66
N ALA B 287 3.94 22.13 -9.35
CA ALA B 287 5.17 21.84 -8.60
C ALA B 287 6.36 22.18 -9.47
N LEU B 288 6.26 21.86 -10.77
CA LEU B 288 7.33 22.12 -11.72
C LEU B 288 7.50 23.61 -11.91
N ALA B 289 6.37 24.31 -12.04
CA ALA B 289 6.38 25.76 -12.09
C ALA B 289 7.09 26.38 -10.86
N ALA B 290 6.79 25.88 -9.66
CA ALA B 290 7.36 26.41 -8.42
C ALA B 290 8.86 26.12 -8.34
N GLY B 291 9.28 24.99 -8.92
CA GLY B 291 10.68 24.64 -9.03
C GLY B 291 10.99 23.26 -8.49
N LEU B 292 11.40 22.38 -9.40
CA LEU B 292 11.87 21.04 -9.06
C LEU B 292 13.39 21.04 -9.19
N PRO B 293 14.12 20.74 -8.10
CA PRO B 293 15.58 20.69 -8.20
C PRO B 293 15.98 19.77 -9.32
N ASP B 294 17.10 20.08 -9.97
CA ASP B 294 17.74 19.15 -10.89
C ASP B 294 17.93 17.78 -10.22
N CYS B 295 17.45 16.73 -10.89
CA CYS B 295 17.51 15.38 -10.29
C CYS B 295 17.39 14.25 -11.29
N SER B 296 17.80 13.07 -10.83
CA SER B 296 17.63 11.85 -11.59
C SER B 296 16.83 10.89 -10.71
N GLY B 297 15.94 10.12 -11.32
CA GLY B 297 15.14 9.17 -10.55
C GLY B 297 15.11 7.81 -11.22
N VAL B 298 14.74 6.76 -10.48
CA VAL B 298 14.66 5.42 -11.06
C VAL B 298 13.54 4.63 -10.40
N ALA B 299 12.85 3.84 -11.23
CA ALA B 299 11.77 2.96 -10.80
C ALA B 299 12.21 1.52 -11.01
N LEU B 300 12.14 0.72 -9.94
CA LEU B 300 12.59 -0.64 -9.99
C LEU B 300 11.50 -1.60 -9.53
N GLY B 301 11.39 -2.72 -10.25
CA GLY B 301 10.39 -3.76 -9.92
C GLY B 301 10.89 -4.68 -8.82
N VAL B 302 10.42 -4.44 -7.60
CA VAL B 302 10.93 -5.20 -6.41
C VAL B 302 10.60 -6.68 -6.50
N ASP B 303 9.38 -7.01 -6.92
CA ASP B 303 8.97 -8.41 -7.05
C ASP B 303 9.86 -9.16 -8.05
N ARG B 304 10.14 -8.52 -9.17
CA ARG B 304 11.06 -9.05 -10.17
C ARG B 304 12.44 -9.22 -9.59
N LEU B 305 12.89 -8.22 -8.83
CA LEU B 305 14.19 -8.31 -8.19
C LEU B 305 14.26 -9.49 -7.18
N VAL B 306 13.24 -9.63 -6.33
CA VAL B 306 13.14 -10.74 -5.40
C VAL B 306 13.11 -12.11 -6.11
N MET B 307 12.30 -12.22 -7.16
CA MET B 307 12.26 -13.40 -8.00
C MET B 307 13.64 -13.81 -8.55
N LEU B 308 14.36 -12.86 -9.11
CA LEU B 308 15.76 -13.12 -9.52
C LEU B 308 16.64 -13.52 -8.32
N ALA B 309 16.50 -12.82 -7.17
CA ALA B 309 17.31 -13.21 -6.00
C ALA B 309 17.03 -14.67 -5.58
N LEU B 310 15.78 -15.11 -5.75
CA LEU B 310 15.38 -16.47 -5.39
C LEU B 310 15.60 -17.55 -6.46
N GLY B 311 16.08 -17.18 -7.64
CA GLY B 311 16.17 -18.13 -8.77
C GLY B 311 14.81 -18.69 -9.22
N ALA B 312 13.75 -17.90 -9.03
CA ALA B 312 12.38 -18.33 -9.32
C ALA B 312 11.92 -17.92 -10.72
N GLU B 313 10.81 -18.50 -11.16
CA GLU B 313 10.35 -18.43 -12.54
C GLU B 313 9.23 -17.42 -12.75
N SER B 314 8.53 -17.08 -11.68
CA SER B 314 7.36 -16.23 -11.81
C SER B 314 7.11 -15.42 -10.55
N LEU B 315 6.26 -14.42 -10.68
CA LEU B 315 5.99 -13.51 -9.58
C LEU B 315 5.14 -14.23 -8.57
N ALA B 316 4.53 -15.33 -8.99
CA ALA B 316 3.68 -16.09 -8.09
C ALA B 316 4.54 -16.76 -7.03
N ASP B 317 5.84 -16.82 -7.26
CA ASP B 317 6.77 -17.41 -6.29
C ASP B 317 7.22 -16.46 -5.17
N VAL B 318 6.94 -15.16 -5.31
CA VAL B 318 7.47 -14.13 -4.40
C VAL B 318 6.40 -13.10 -3.98
N ILE B 319 5.19 -13.26 -4.47
CA ILE B 319 4.09 -12.43 -4.05
C ILE B 319 3.14 -13.30 -3.27
N ALA B 320 2.77 -12.88 -2.05
CA ALA B 320 2.03 -13.76 -1.12
C ALA B 320 0.79 -14.31 -1.77
N PHE B 321 0.04 -13.45 -2.46
CA PHE B 321 -1.13 -13.87 -3.21
C PHE B 321 -1.26 -13.05 -4.49
N THR B 322 -1.00 -13.69 -5.62
CA THR B 322 -1.20 -13.04 -6.93
C THR B 322 -2.73 -12.88 -7.16
N VAL B 323 -3.10 -12.08 -8.16
CA VAL B 323 -4.48 -11.60 -8.31
C VAL B 323 -5.46 -12.75 -8.55
N ASP B 324 -5.02 -13.79 -9.26
CA ASP B 324 -5.86 -14.95 -9.49
C ASP B 324 -6.38 -15.60 -8.21
N ARG B 325 -5.70 -15.38 -7.08
CA ARG B 325 -6.19 -15.95 -5.84
C ARG B 325 -6.36 -14.98 -4.64
N ALA B 326 -6.06 -13.68 -4.84
CA ALA B 326 -6.21 -12.64 -3.82
C ALA B 326 -7.66 -12.39 -3.48
#